data_2VTX
#
_entry.id   2VTX
#
_cell.length_a   67.034
_cell.length_b   94.601
_cell.length_c   176.100
_cell.angle_alpha   90.00
_cell.angle_beta   90.00
_cell.angle_gamma   90.00
#
_symmetry.space_group_name_H-M   'P 21 21 21'
#
loop_
_entity.id
_entity.type
_entity.pdbx_description
1 polymer 'NPM-A PROTEIN'
2 polymer 'NPM-A PROTEIN'
3 water water
#
loop_
_entity_poly.entity_id
_entity_poly.type
_entity_poly.pdbx_seq_one_letter_code
_entity_poly.pdbx_strand_id
1 'polypeptide(L)'
;MADDVDNDDKLEKPVDLIWGCELNEQNKTFEFKVEDDEEKCEHQLALRTVCLGDKAKDEFHIVEIVDQEEGAEKSVPIAT
LKPSILPMATMVGIELDPPVTFRLKAGSGPLYISGQHVAM
;
A,B,C,D,E,G,H,I,K
2 'polypeptide(L)'
;MADDVDNDDKLEKPVDLIWGCELNEQNKTFEFKVEDDEEKCEHQLALRTVCLGDKAKDEFHIVEIVDQEEGAEKVVPIAT
LKPSILPMATMVGIELDPPVTFRLKAGSGPLYISGQHVAM
;
J
#
# COMPACT_ATOMS: atom_id res chain seq x y z
N ASP A 16 -39.70 -37.96 -7.23
CA ASP A 16 -40.68 -37.94 -6.07
C ASP A 16 -42.00 -38.78 -6.32
N LEU A 17 -43.11 -38.13 -6.76
CA LEU A 17 -44.46 -38.83 -6.71
C LEU A 17 -44.34 -40.15 -7.55
N ILE A 18 -44.92 -41.24 -7.00
CA ILE A 18 -45.04 -42.53 -7.74
C ILE A 18 -46.00 -42.45 -8.93
N TRP A 19 -45.62 -43.03 -10.05
CA TRP A 19 -46.44 -43.08 -11.23
C TRP A 19 -46.79 -44.52 -11.61
N GLY A 20 -47.92 -44.76 -12.22
CA GLY A 20 -48.21 -46.09 -12.75
C GLY A 20 -49.22 -46.07 -13.89
N CYS A 21 -49.30 -47.14 -14.70
CA CYS A 21 -50.34 -47.29 -15.69
C CYS A 21 -50.76 -48.72 -15.83
N GLU A 22 -51.99 -48.96 -16.31
CA GLU A 22 -52.50 -50.30 -16.53
C GLU A 22 -52.59 -50.56 -18.02
N LEU A 23 -51.89 -51.54 -18.58
CA LEU A 23 -52.11 -51.93 -19.96
C LEU A 23 -53.00 -53.16 -19.90
N ASN A 24 -53.93 -53.27 -20.82
CA ASN A 24 -54.87 -54.39 -20.85
C ASN A 24 -55.46 -54.44 -22.23
N GLU A 25 -56.34 -55.37 -22.47
CA GLU A 25 -56.82 -55.71 -23.81
C GLU A 25 -57.58 -54.52 -24.49
N GLN A 26 -58.39 -53.81 -23.69
CA GLN A 26 -59.10 -52.62 -24.16
C GLN A 26 -58.10 -51.43 -24.44
N ASN A 27 -57.17 -51.18 -23.51
CA ASN A 27 -56.22 -50.15 -23.65
C ASN A 27 -54.82 -50.74 -23.74
N LYS A 28 -54.48 -51.21 -24.93
CA LYS A 28 -53.17 -51.76 -25.22
C LYS A 28 -52.03 -50.78 -25.20
N THR A 29 -52.28 -49.51 -25.48
CA THR A 29 -51.20 -48.53 -25.61
C THR A 29 -51.37 -47.47 -24.60
N PHE A 30 -50.29 -47.11 -23.93
CA PHE A 30 -50.36 -46.02 -22.96
C PHE A 30 -49.23 -45.05 -23.25
N GLU A 31 -49.54 -43.81 -23.57
CA GLU A 31 -48.54 -42.82 -23.86
C GLU A 31 -48.22 -41.90 -22.71
N PHE A 32 -47.01 -41.89 -22.22
CA PHE A 32 -46.79 -41.09 -21.05
C PHE A 32 -46.25 -39.77 -21.55
N LYS A 33 -46.90 -38.67 -21.10
CA LYS A 33 -46.54 -37.22 -21.51
C LYS A 33 -46.38 -36.37 -20.26
N VAL A 34 -45.36 -35.53 -20.19
CA VAL A 34 -45.31 -34.63 -19.00
C VAL A 34 -46.25 -33.43 -19.19
N CYS A 41 -39.13 -29.22 -14.15
CA CYS A 41 -38.34 -28.45 -15.13
C CYS A 41 -37.73 -29.21 -16.34
N GLU A 42 -37.23 -30.45 -16.19
CA GLU A 42 -37.28 -31.41 -17.35
C GLU A 42 -37.97 -32.83 -17.02
N HIS A 43 -37.22 -33.74 -16.38
CA HIS A 43 -37.69 -35.03 -15.80
C HIS A 43 -37.81 -36.27 -16.73
N GLN A 44 -36.92 -37.21 -16.48
CA GLN A 44 -37.05 -38.57 -16.97
C GLN A 44 -38.22 -39.34 -16.20
N LEU A 45 -38.73 -40.42 -16.79
CA LEU A 45 -39.48 -41.43 -16.10
C LEU A 45 -38.54 -42.61 -15.78
N ALA A 46 -38.40 -42.99 -14.52
CA ALA A 46 -37.58 -44.15 -14.14
C ALA A 46 -38.55 -45.34 -13.85
N LEU A 47 -38.45 -46.46 -14.51
CA LEU A 47 -39.44 -47.50 -14.32
C LEU A 47 -39.03 -48.25 -13.11
N ARG A 48 -39.93 -48.71 -12.27
CA ARG A 48 -39.47 -49.56 -11.12
C ARG A 48 -39.85 -51.05 -11.22
N THR A 49 -41.10 -51.32 -11.55
CA THR A 49 -41.57 -52.69 -11.59
C THR A 49 -42.65 -52.82 -12.70
N VAL A 50 -42.92 -54.06 -13.14
CA VAL A 50 -43.99 -54.44 -14.00
C VAL A 50 -44.61 -55.61 -13.30
N CYS A 51 -45.92 -55.73 -13.30
CA CYS A 51 -46.55 -56.78 -12.65
C CYS A 51 -47.94 -57.06 -13.14
N LEU A 52 -48.39 -58.29 -13.01
CA LEU A 52 -49.69 -58.70 -13.48
C LEU A 52 -50.78 -58.59 -12.40
N GLY A 53 -52.02 -58.42 -12.86
CA GLY A 53 -53.15 -58.45 -12.03
C GLY A 53 -53.54 -59.86 -11.79
N ASP A 54 -54.35 -60.04 -10.77
CA ASP A 54 -54.66 -61.37 -10.32
C ASP A 54 -55.62 -62.13 -11.14
N LYS A 55 -56.35 -61.45 -11.98
CA LYS A 55 -57.26 -62.09 -12.93
C LYS A 55 -56.60 -62.07 -14.32
N ALA A 56 -55.36 -61.71 -14.51
CA ALA A 56 -54.78 -61.88 -15.87
C ALA A 56 -54.91 -63.29 -16.34
N LYS A 57 -55.03 -63.48 -17.60
CA LYS A 57 -55.11 -64.87 -18.09
C LYS A 57 -53.73 -65.46 -17.98
N ASP A 58 -53.64 -66.77 -18.00
CA ASP A 58 -52.43 -67.44 -17.75
C ASP A 58 -51.83 -67.63 -19.06
N GLU A 59 -51.19 -66.57 -19.58
CA GLU A 59 -50.57 -66.60 -20.91
C GLU A 59 -49.43 -65.61 -20.84
N PHE A 60 -48.57 -65.56 -21.83
CA PHE A 60 -47.43 -64.70 -21.75
C PHE A 60 -47.87 -63.28 -22.04
N HIS A 61 -47.39 -62.30 -21.28
CA HIS A 61 -47.71 -60.90 -21.53
C HIS A 61 -46.44 -60.27 -21.93
N ILE A 62 -46.39 -59.43 -22.96
CA ILE A 62 -45.10 -58.82 -23.26
C ILE A 62 -45.33 -57.37 -23.37
N VAL A 63 -44.44 -56.58 -22.81
CA VAL A 63 -44.59 -55.14 -22.91
C VAL A 63 -43.39 -54.58 -23.58
N GLU A 64 -43.62 -53.57 -24.40
CA GLU A 64 -42.58 -52.95 -25.24
C GLU A 64 -42.72 -51.42 -25.22
N ILE A 65 -41.61 -50.78 -25.37
CA ILE A 65 -41.50 -49.41 -25.56
C ILE A 65 -41.48 -49.14 -27.08
N VAL A 66 -42.37 -48.25 -27.50
CA VAL A 66 -42.51 -47.80 -28.90
C VAL A 66 -41.99 -46.40 -29.07
N ASP A 67 -41.15 -46.23 -30.09
CA ASP A 67 -40.66 -44.83 -30.44
C ASP A 67 -40.47 -44.59 -31.95
N GLU A 73 -41.27 -45.89 -36.44
CA GLU A 73 -41.80 -46.86 -35.47
C GLU A 73 -40.85 -48.05 -35.23
N LYS A 74 -40.18 -48.06 -34.06
CA LYS A 74 -39.45 -49.22 -33.55
C LYS A 74 -39.91 -49.58 -32.12
N SER A 75 -40.25 -50.84 -31.98
CA SER A 75 -40.70 -51.46 -30.78
C SER A 75 -39.57 -52.27 -30.22
N VAL A 76 -39.21 -51.96 -28.97
CA VAL A 76 -38.21 -52.74 -28.15
C VAL A 76 -38.97 -53.40 -26.93
N PRO A 77 -39.18 -54.73 -26.92
CA PRO A 77 -39.69 -55.46 -25.74
C PRO A 77 -38.86 -55.37 -24.54
N ILE A 78 -39.47 -55.15 -23.35
CA ILE A 78 -38.67 -54.96 -22.17
C ILE A 78 -39.01 -55.95 -21.09
N ALA A 79 -40.18 -56.62 -21.19
CA ALA A 79 -40.54 -57.53 -20.18
C ALA A 79 -41.46 -58.54 -20.75
N THR A 80 -41.31 -59.79 -20.35
CA THR A 80 -42.30 -60.91 -20.51
C THR A 80 -42.65 -61.54 -19.19
N LEU A 81 -43.90 -61.76 -18.93
CA LEU A 81 -44.40 -62.20 -17.67
C LEU A 81 -45.47 -63.24 -17.98
N LYS A 82 -45.72 -64.11 -17.03
CA LYS A 82 -46.90 -65.01 -17.11
C LYS A 82 -47.34 -65.44 -15.65
N PRO A 83 -48.64 -65.39 -15.38
CA PRO A 83 -49.04 -65.55 -13.95
C PRO A 83 -48.44 -66.77 -13.27
N SER A 84 -48.39 -67.91 -13.98
CA SER A 84 -48.00 -69.19 -13.33
C SER A 84 -46.49 -69.44 -13.48
N ILE A 85 -45.78 -68.50 -14.07
CA ILE A 85 -44.37 -68.64 -14.25
C ILE A 85 -43.60 -67.48 -13.60
N LEU A 86 -43.92 -66.24 -13.88
CA LEU A 86 -43.17 -65.08 -13.41
C LEU A 86 -44.13 -63.87 -13.53
N PRO A 87 -44.78 -63.56 -12.42
CA PRO A 87 -45.75 -62.63 -12.39
C PRO A 87 -45.35 -61.19 -12.17
N MET A 88 -44.10 -60.90 -11.97
CA MET A 88 -43.69 -59.51 -11.96
C MET A 88 -42.16 -59.46 -12.24
N ALA A 89 -41.64 -58.27 -12.44
CA ALA A 89 -40.22 -58.06 -12.61
C ALA A 89 -39.87 -56.61 -12.17
N THR A 90 -38.66 -56.48 -11.66
CA THR A 90 -38.02 -55.24 -11.24
C THR A 90 -37.17 -54.74 -12.37
N MET A 91 -37.31 -53.48 -12.68
CA MET A 91 -36.75 -52.82 -13.84
C MET A 91 -35.75 -52.00 -13.17
N VAL A 92 -34.53 -52.06 -13.67
CA VAL A 92 -33.47 -51.41 -13.00
C VAL A 92 -32.79 -50.57 -14.05
N GLY A 93 -32.60 -49.31 -13.75
CA GLY A 93 -31.85 -48.45 -14.60
C GLY A 93 -32.54 -47.89 -15.82
N ILE A 94 -33.71 -48.41 -16.16
CA ILE A 94 -34.46 -47.84 -17.31
C ILE A 94 -35.01 -46.47 -16.95
N GLU A 95 -34.31 -45.45 -17.47
CA GLU A 95 -34.72 -44.06 -17.41
C GLU A 95 -35.06 -43.50 -18.76
N LEU A 96 -36.27 -43.00 -18.91
CA LEU A 96 -36.77 -42.55 -20.22
C LEU A 96 -37.13 -41.10 -20.22
N ASP A 97 -37.05 -40.60 -21.43
CA ASP A 97 -37.31 -39.20 -21.75
C ASP A 97 -38.66 -39.14 -22.40
N PRO A 98 -39.58 -38.44 -21.81
CA PRO A 98 -40.92 -38.27 -22.32
C PRO A 98 -40.96 -37.62 -23.68
N PRO A 99 -42.00 -37.87 -24.45
CA PRO A 99 -43.02 -38.81 -24.24
C PRO A 99 -42.51 -40.20 -24.58
N VAL A 100 -42.96 -41.21 -23.84
CA VAL A 100 -42.77 -42.62 -24.09
C VAL A 100 -44.09 -43.30 -24.25
N THR A 101 -44.07 -44.29 -25.11
CA THR A 101 -45.23 -45.11 -25.30
C THR A 101 -44.94 -46.56 -24.87
N PHE A 102 -45.85 -47.05 -24.04
CA PHE A 102 -45.84 -48.50 -23.65
C PHE A 102 -46.92 -49.20 -24.40
N ARG A 103 -46.62 -50.38 -24.93
CA ARG A 103 -47.62 -51.20 -25.50
C ARG A 103 -47.55 -52.67 -25.07
N LEU A 104 -48.68 -53.21 -24.97
CA LEU A 104 -48.84 -54.59 -24.68
C LEU A 104 -48.74 -55.44 -25.99
N LYS A 105 -47.53 -55.74 -26.45
CA LYS A 105 -47.37 -56.63 -27.58
C LYS A 105 -48.12 -57.95 -27.53
N ALA A 106 -48.32 -58.53 -26.34
CA ALA A 106 -49.03 -59.80 -26.15
C ALA A 106 -49.65 -59.85 -24.75
N GLY A 107 -50.84 -60.43 -24.72
CA GLY A 107 -51.52 -60.82 -23.56
C GLY A 107 -52.62 -59.87 -23.37
N SER A 108 -53.50 -60.20 -22.45
CA SER A 108 -54.61 -59.37 -22.20
C SER A 108 -54.64 -58.57 -20.93
N GLY A 109 -53.72 -58.76 -20.00
CA GLY A 109 -53.63 -57.92 -18.83
C GLY A 109 -54.66 -58.30 -17.83
N PRO A 110 -54.83 -57.49 -16.83
CA PRO A 110 -54.09 -56.27 -16.56
C PRO A 110 -52.64 -56.49 -16.37
N LEU A 111 -51.83 -55.58 -16.91
CA LEU A 111 -50.44 -55.52 -16.64
C LEU A 111 -50.20 -54.16 -16.10
N TYR A 112 -49.52 -54.04 -14.99
CA TYR A 112 -49.28 -52.79 -14.36
C TYR A 112 -47.83 -52.39 -14.45
N ILE A 113 -47.50 -51.12 -14.70
CA ILE A 113 -46.17 -50.63 -14.74
C ILE A 113 -46.03 -49.58 -13.68
N SER A 114 -44.91 -49.48 -12.95
CA SER A 114 -44.84 -48.42 -11.98
C SER A 114 -43.58 -47.70 -12.33
N GLY A 115 -43.51 -46.40 -11.97
CA GLY A 115 -42.29 -45.63 -12.16
C GLY A 115 -42.25 -44.35 -11.31
N GLN A 116 -41.13 -43.64 -11.40
CA GLN A 116 -40.93 -42.42 -10.65
C GLN A 116 -40.35 -41.32 -11.53
N HIS A 117 -40.76 -40.08 -11.29
CA HIS A 117 -40.17 -38.87 -12.00
C HIS A 117 -38.72 -38.59 -11.53
N VAL A 118 -37.73 -38.62 -12.40
CA VAL A 118 -36.40 -38.35 -11.90
C VAL A 118 -35.60 -37.54 -12.86
N LEU B 17 -31.73 -47.17 10.40
CA LEU B 17 -32.48 -48.40 10.90
C LEU B 17 -33.39 -49.07 9.78
N ILE B 18 -33.56 -50.39 9.88
CA ILE B 18 -34.39 -51.15 8.97
C ILE B 18 -35.86 -50.94 9.32
N TRP B 19 -36.73 -50.77 8.33
CA TRP B 19 -38.15 -50.67 8.60
C TRP B 19 -38.88 -51.82 7.91
N GLY B 20 -40.06 -52.17 8.40
CA GLY B 20 -40.83 -53.31 8.06
C GLY B 20 -42.26 -52.95 8.34
N CYS B 21 -43.20 -53.39 7.53
CA CYS B 21 -44.58 -53.51 7.92
C CYS B 21 -45.16 -54.88 7.43
N GLU B 22 -46.25 -55.28 8.03
CA GLU B 22 -46.96 -56.41 7.55
C GLU B 22 -48.33 -55.98 7.03
N LEU B 23 -48.73 -56.38 5.82
CA LEU B 23 -50.12 -56.19 5.32
C LEU B 23 -50.80 -57.52 5.37
N ASN B 24 -52.08 -57.54 5.71
CA ASN B 24 -52.79 -58.86 5.69
C ASN B 24 -54.26 -58.61 5.57
N GLU B 25 -55.07 -59.65 5.54
CA GLU B 25 -56.44 -59.34 5.34
C GLU B 25 -57.20 -58.56 6.38
N GLN B 26 -56.87 -58.75 7.64
CA GLN B 26 -57.44 -57.93 8.69
C GLN B 26 -56.95 -56.52 8.52
N ASN B 27 -55.63 -56.36 8.34
CA ASN B 27 -55.13 -55.05 8.08
C ASN B 27 -54.52 -54.82 6.63
N LYS B 28 -55.38 -54.59 5.67
CA LYS B 28 -55.03 -54.41 4.33
C LYS B 28 -54.24 -53.20 4.07
N THR B 29 -54.42 -52.14 4.87
CA THR B 29 -53.82 -50.76 4.59
C THR B 29 -52.93 -50.32 5.65
N PHE B 30 -51.72 -49.94 5.32
CA PHE B 30 -50.76 -49.43 6.30
C PHE B 30 -50.22 -48.14 5.89
N GLU B 31 -50.46 -47.09 6.68
CA GLU B 31 -49.92 -45.70 6.46
C GLU B 31 -48.61 -45.44 7.23
N PHE B 32 -47.48 -45.40 6.55
CA PHE B 32 -46.21 -44.99 7.10
C PHE B 32 -46.07 -43.48 7.13
N LYS B 33 -45.64 -43.01 8.29
CA LYS B 33 -45.47 -41.57 8.59
C LYS B 33 -44.23 -41.40 9.47
N VAL B 34 -43.52 -40.28 9.29
CA VAL B 34 -42.75 -39.60 10.38
C VAL B 34 -41.64 -40.49 10.97
N GLU B 38 -42.00 -37.33 14.33
CA GLU B 38 -41.41 -36.52 15.39
C GLU B 38 -40.14 -35.77 14.90
N GLU B 39 -40.30 -34.99 13.79
CA GLU B 39 -39.19 -34.40 12.86
C GLU B 39 -39.41 -34.16 11.28
N LYS B 40 -38.97 -33.01 10.75
CA LYS B 40 -38.56 -32.89 9.31
C LYS B 40 -37.32 -31.95 9.19
N CYS B 41 -36.21 -32.25 8.48
CA CYS B 41 -35.53 -33.60 8.22
C CYS B 41 -35.63 -34.34 6.88
N GLU B 42 -36.79 -34.27 6.23
CA GLU B 42 -37.02 -34.75 4.83
C GLU B 42 -36.54 -36.21 4.50
N HIS B 43 -36.62 -37.16 5.45
CA HIS B 43 -36.09 -38.54 5.20
C HIS B 43 -37.01 -39.31 4.30
N GLN B 44 -36.51 -39.95 3.24
CA GLN B 44 -37.31 -40.82 2.39
C GLN B 44 -37.36 -42.24 2.88
N LEU B 45 -38.34 -43.06 2.45
CA LEU B 45 -38.36 -44.50 2.80
C LEU B 45 -37.96 -45.17 1.54
N ALA B 46 -36.88 -45.92 1.56
CA ALA B 46 -36.39 -46.66 0.40
C ALA B 46 -36.77 -48.12 0.55
N LEU B 47 -37.56 -48.67 -0.38
CA LEU B 47 -38.05 -50.04 -0.26
C LEU B 47 -36.94 -50.97 -0.54
N ARG B 48 -36.92 -52.11 0.13
CA ARG B 48 -35.88 -53.06 -0.18
C ARG B 48 -36.40 -54.42 -0.70
N THR B 49 -37.41 -54.99 -0.06
CA THR B 49 -37.95 -56.26 -0.48
C THR B 49 -39.39 -56.35 -0.10
N VAL B 50 -40.08 -57.32 -0.68
CA VAL B 50 -41.47 -57.61 -0.38
C VAL B 50 -41.50 -59.11 -0.33
N CYS B 51 -42.15 -59.69 0.64
CA CYS B 51 -42.04 -61.14 0.75
C CYS B 51 -43.19 -61.71 1.53
N LEU B 52 -43.62 -62.90 1.18
CA LEU B 52 -44.76 -63.62 1.78
C LEU B 52 -44.38 -64.47 3.00
N GLY B 53 -45.31 -64.55 3.95
CA GLY B 53 -45.22 -65.39 5.09
C GLY B 53 -45.57 -66.81 4.70
N ASP B 54 -45.08 -67.77 5.47
CA ASP B 54 -45.11 -69.12 5.00
C ASP B 54 -46.45 -69.75 5.18
N LYS B 55 -47.41 -69.10 5.82
CA LYS B 55 -48.81 -69.61 5.81
C LYS B 55 -49.67 -68.75 4.91
N ALA B 56 -49.05 -67.95 4.10
CA ALA B 56 -49.81 -67.21 3.09
C ALA B 56 -50.64 -68.21 2.30
N LYS B 57 -51.88 -67.92 2.00
CA LYS B 57 -52.60 -68.75 0.99
C LYS B 57 -52.03 -68.69 -0.39
N ASP B 58 -52.32 -69.73 -1.16
CA ASP B 58 -51.57 -69.97 -2.42
C ASP B 58 -52.33 -69.27 -3.44
N GLU B 59 -52.23 -67.94 -3.42
CA GLU B 59 -53.03 -67.07 -4.36
C GLU B 59 -52.26 -65.82 -4.61
N PHE B 60 -52.64 -65.04 -5.58
CA PHE B 60 -51.88 -63.88 -5.98
C PHE B 60 -52.13 -62.84 -4.95
N HIS B 61 -51.08 -62.14 -4.53
CA HIS B 61 -51.02 -61.10 -3.53
C HIS B 61 -50.44 -59.93 -4.26
N ILE B 62 -51.09 -58.75 -4.18
CA ILE B 62 -50.70 -57.57 -4.90
C ILE B 62 -50.67 -56.42 -3.98
N VAL B 63 -49.56 -55.72 -3.95
CA VAL B 63 -49.36 -54.61 -3.03
C VAL B 63 -49.26 -53.33 -3.85
N GLU B 64 -50.04 -52.31 -3.48
CA GLU B 64 -50.12 -51.09 -4.19
C GLU B 64 -49.78 -49.91 -3.34
N ILE B 65 -49.17 -48.87 -3.92
CA ILE B 65 -49.04 -47.60 -3.27
C ILE B 65 -50.29 -46.73 -3.51
N VAL B 66 -50.90 -46.26 -2.45
CA VAL B 66 -52.09 -45.31 -2.59
C VAL B 66 -51.75 -43.82 -2.35
N ASP B 67 -52.15 -42.94 -3.30
CA ASP B 67 -52.28 -41.44 -3.05
C ASP B 67 -53.35 -40.77 -3.90
N GLN B 68 -53.89 -39.61 -3.47
CA GLN B 68 -55.06 -38.88 -4.19
C GLN B 68 -54.67 -37.69 -5.14
N GLU B 73 -58.41 -40.21 -6.02
CA GLU B 73 -57.81 -41.50 -5.62
C GLU B 73 -57.20 -42.31 -6.79
N LYS B 74 -55.87 -42.56 -6.67
CA LYS B 74 -54.96 -43.31 -7.62
C LYS B 74 -54.15 -44.38 -6.86
N SER B 75 -54.19 -45.65 -7.21
CA SER B 75 -53.13 -46.54 -6.68
C SER B 75 -52.28 -47.16 -7.77
N VAL B 76 -51.05 -47.48 -7.42
CA VAL B 76 -50.11 -47.95 -8.33
C VAL B 76 -49.71 -49.31 -7.83
N PRO B 77 -50.26 -50.38 -8.42
CA PRO B 77 -49.57 -51.69 -8.14
C PRO B 77 -48.07 -51.70 -8.40
N ILE B 78 -47.31 -52.26 -7.43
CA ILE B 78 -45.84 -52.37 -7.49
C ILE B 78 -45.27 -53.75 -7.37
N ALA B 79 -46.04 -54.73 -6.85
CA ALA B 79 -45.55 -56.12 -6.73
C ALA B 79 -46.68 -57.10 -6.86
N THR B 80 -46.51 -58.23 -7.58
CA THR B 80 -47.43 -59.34 -7.55
C THR B 80 -46.68 -60.60 -7.13
N LEU B 81 -47.10 -61.23 -6.05
CA LEU B 81 -46.47 -62.42 -5.62
C LEU B 81 -47.43 -63.62 -5.44
N LYS B 82 -46.91 -64.87 -5.36
CA LYS B 82 -47.75 -66.05 -5.00
C LYS B 82 -46.83 -67.18 -4.49
N PRO B 83 -47.19 -67.75 -3.36
CA PRO B 83 -46.25 -68.63 -2.62
C PRO B 83 -45.61 -69.66 -3.51
N SER B 84 -46.36 -70.25 -4.42
CA SER B 84 -45.89 -71.44 -5.17
C SER B 84 -45.33 -71.03 -6.53
N ILE B 85 -45.27 -69.74 -6.80
CA ILE B 85 -44.80 -69.27 -8.03
C ILE B 85 -43.65 -68.31 -7.81
N LEU B 86 -43.79 -67.28 -6.99
CA LEU B 86 -42.79 -66.21 -6.73
C LEU B 86 -43.06 -65.62 -5.31
N PRO B 87 -42.29 -66.07 -4.33
CA PRO B 87 -42.58 -65.67 -3.00
C PRO B 87 -41.91 -64.40 -2.51
N MET B 88 -41.05 -63.75 -3.28
CA MET B 88 -40.58 -62.46 -2.82
C MET B 88 -40.12 -61.68 -4.05
N ALA B 89 -39.87 -60.39 -3.86
CA ALA B 89 -39.29 -59.56 -4.90
C ALA B 89 -38.29 -58.51 -4.28
N THR B 90 -37.21 -58.25 -4.93
CA THR B 90 -36.33 -57.22 -4.53
C THR B 90 -36.76 -55.95 -5.16
N MET B 91 -36.90 -54.89 -4.38
CA MET B 91 -37.29 -53.56 -4.86
C MET B 91 -36.04 -52.74 -5.00
N VAL B 92 -35.89 -52.11 -6.13
CA VAL B 92 -34.72 -51.32 -6.44
C VAL B 92 -35.16 -49.91 -6.89
N GLY B 93 -34.58 -48.90 -6.26
CA GLY B 93 -34.71 -47.54 -6.69
C GLY B 93 -36.00 -46.95 -6.17
N ILE B 94 -36.88 -47.69 -5.53
CA ILE B 94 -38.11 -46.99 -5.07
C ILE B 94 -37.81 -46.19 -3.81
N GLU B 95 -37.82 -44.87 -3.91
CA GLU B 95 -37.64 -43.99 -2.72
C GLU B 95 -38.82 -43.14 -2.62
N LEU B 96 -39.45 -43.14 -1.46
CA LEU B 96 -40.69 -42.44 -1.33
C LEU B 96 -40.62 -41.37 -0.32
N ASP B 97 -41.45 -40.38 -0.57
CA ASP B 97 -41.75 -39.30 0.36
C ASP B 97 -42.86 -39.59 1.29
N PRO B 98 -42.57 -39.68 2.59
CA PRO B 98 -43.61 -39.84 3.54
C PRO B 98 -44.59 -38.67 3.45
N PRO B 99 -45.84 -38.88 3.74
CA PRO B 99 -46.47 -40.12 4.20
C PRO B 99 -46.83 -40.98 2.99
N VAL B 100 -46.71 -42.31 3.16
CA VAL B 100 -46.96 -43.24 2.12
C VAL B 100 -47.92 -44.24 2.61
N THR B 101 -48.91 -44.59 1.78
CA THR B 101 -49.83 -45.68 2.02
C THR B 101 -49.69 -46.86 1.06
N PHE B 102 -49.45 -47.99 1.69
CA PHE B 102 -49.40 -49.31 1.14
C PHE B 102 -50.69 -50.04 1.34
N ARG B 103 -51.14 -50.77 0.33
CA ARG B 103 -52.31 -51.48 0.43
C ARG B 103 -52.28 -52.79 -0.29
N LEU B 104 -52.91 -53.78 0.35
CA LEU B 104 -53.00 -55.13 -0.18
C LEU B 104 -54.23 -55.26 -1.03
N LYS B 105 -54.04 -54.94 -2.29
CA LYS B 105 -55.12 -54.99 -3.26
C LYS B 105 -55.71 -56.38 -3.42
N ALA B 106 -54.93 -57.42 -3.21
CA ALA B 106 -55.40 -58.83 -3.50
C ALA B 106 -54.57 -59.67 -2.59
N GLY B 107 -55.18 -60.72 -2.05
CA GLY B 107 -54.48 -61.70 -1.24
C GLY B 107 -54.70 -61.53 0.26
N SER B 108 -54.41 -62.58 1.02
CA SER B 108 -54.75 -62.71 2.43
C SER B 108 -53.51 -62.30 3.25
N GLY B 109 -52.34 -62.43 2.66
CA GLY B 109 -51.11 -62.26 3.41
C GLY B 109 -50.88 -63.34 4.46
N PRO B 110 -49.90 -63.16 5.32
CA PRO B 110 -48.98 -62.01 5.48
C PRO B 110 -48.15 -61.68 4.30
N LEU B 111 -48.07 -60.39 4.04
CA LEU B 111 -47.11 -59.92 3.10
C LEU B 111 -46.22 -58.83 3.81
N TYR B 112 -44.91 -59.03 3.76
CA TYR B 112 -43.96 -58.19 4.51
C TYR B 112 -43.29 -57.23 3.54
N ILE B 113 -43.18 -55.96 3.92
CA ILE B 113 -42.46 -55.01 3.17
C ILE B 113 -41.35 -54.59 4.04
N SER B 114 -40.15 -54.46 3.46
CA SER B 114 -39.05 -53.92 4.16
C SER B 114 -38.50 -52.75 3.47
N GLY B 115 -37.85 -51.91 4.28
CA GLY B 115 -37.16 -50.74 3.76
C GLY B 115 -36.15 -50.07 4.71
N GLN B 116 -35.65 -48.91 4.30
CA GLN B 116 -34.72 -48.21 5.07
C GLN B 116 -34.92 -46.75 4.97
N HIS B 117 -34.53 -46.05 6.04
CA HIS B 117 -34.42 -44.57 6.01
C HIS B 117 -33.28 -44.05 5.16
N VAL B 118 -33.54 -43.01 4.39
CA VAL B 118 -32.58 -42.53 3.46
C VAL B 118 -32.53 -40.98 3.50
N ALA B 119 -31.33 -40.39 3.42
CA ALA B 119 -31.21 -38.87 3.48
C ALA B 119 -30.76 -38.31 2.12
N ASP C 16 -15.69 -53.82 0.25
CA ASP C 16 -14.33 -54.29 -0.23
C ASP C 16 -13.80 -55.63 0.40
N LEU C 17 -14.47 -56.77 0.14
CA LEU C 17 -14.05 -58.18 0.57
C LEU C 17 -15.17 -58.98 1.30
N ILE C 18 -15.26 -60.26 0.94
CA ILE C 18 -16.46 -61.08 1.18
C ILE C 18 -16.74 -61.69 2.58
N TRP C 19 -18.00 -61.57 3.01
CA TRP C 19 -18.59 -62.04 4.27
C TRP C 19 -19.85 -62.91 4.03
N GLY C 20 -20.10 -63.86 4.93
CA GLY C 20 -21.17 -64.80 4.78
C GLY C 20 -21.53 -65.43 6.10
N CYS C 21 -22.79 -65.78 6.37
CA CYS C 21 -23.15 -66.63 7.48
C CYS C 21 -24.05 -67.78 7.05
N GLU C 22 -24.26 -68.74 7.95
CA GLU C 22 -25.13 -69.83 7.72
C GLU C 22 -26.15 -69.93 8.83
N LEU C 23 -27.46 -69.98 8.53
CA LEU C 23 -28.53 -70.20 9.56
C LEU C 23 -29.10 -71.55 9.24
N ASN C 24 -29.49 -72.28 10.30
CA ASN C 24 -30.22 -73.51 10.24
C ASN C 24 -31.00 -73.80 11.53
N GLU C 25 -31.65 -74.92 11.55
CA GLU C 25 -32.50 -75.32 12.66
C GLU C 25 -31.82 -75.25 14.04
N GLN C 26 -30.53 -75.61 14.10
CA GLN C 26 -29.74 -75.61 15.35
C GLN C 26 -28.87 -74.35 15.51
N ASN C 27 -29.28 -73.26 14.91
CA ASN C 27 -28.42 -72.07 14.66
C ASN C 27 -29.33 -71.08 13.96
N LYS C 28 -30.41 -70.71 14.61
CA LYS C 28 -31.39 -69.97 13.93
C LYS C 28 -31.04 -68.51 13.86
N THR C 29 -29.88 -68.14 14.40
CA THR C 29 -29.51 -66.79 14.64
C THR C 29 -28.00 -66.49 14.25
N PHE C 30 -27.64 -65.29 13.93
CA PHE C 30 -26.25 -65.00 13.74
C PHE C 30 -26.05 -63.52 13.96
N GLU C 31 -25.23 -63.18 14.96
CA GLU C 31 -25.00 -61.79 15.26
C GLU C 31 -23.79 -61.33 14.55
N PHE C 32 -23.94 -60.25 13.79
CA PHE C 32 -22.83 -59.63 13.14
C PHE C 32 -22.51 -58.44 14.01
N LYS C 33 -21.38 -58.55 14.73
CA LYS C 33 -20.90 -57.59 15.75
C LYS C 33 -19.48 -57.08 15.38
N VAL C 34 -19.21 -55.79 15.66
CA VAL C 34 -17.91 -55.02 15.34
C VAL C 34 -17.48 -55.00 13.84
N HIS C 43 -17.31 -48.82 9.66
CA HIS C 43 -17.82 -49.74 8.61
C HIS C 43 -19.28 -50.29 8.75
N GLN C 44 -19.81 -50.71 7.60
CA GLN C 44 -21.24 -51.07 7.38
C GLN C 44 -21.27 -52.43 6.63
N LEU C 45 -22.28 -53.27 6.86
CA LEU C 45 -22.45 -54.52 6.08
C LEU C 45 -23.47 -54.24 4.93
N ALA C 46 -23.01 -54.39 3.69
CA ALA C 46 -23.87 -54.48 2.47
C ALA C 46 -24.19 -55.95 2.21
N LEU C 47 -25.47 -56.35 2.29
CA LEU C 47 -25.92 -57.67 1.86
C LEU C 47 -25.85 -57.80 0.37
N ARG C 48 -25.62 -59.01 -0.10
CA ARG C 48 -25.55 -59.21 -1.53
C ARG C 48 -26.52 -60.33 -1.96
N THR C 49 -26.47 -61.50 -1.34
CA THR C 49 -27.40 -62.58 -1.69
C THR C 49 -27.82 -63.37 -0.47
N VAL C 50 -28.93 -64.06 -0.63
CA VAL C 50 -29.41 -65.06 0.31
C VAL C 50 -29.70 -66.25 -0.62
N CYS C 51 -29.27 -67.46 -0.22
CA CYS C 51 -29.56 -68.60 -0.99
C CYS C 51 -29.58 -69.91 -0.16
N LEU C 52 -30.26 -70.93 -0.65
CA LEU C 52 -30.48 -72.15 0.10
C LEU C 52 -29.45 -73.18 -0.23
N GLY C 53 -29.06 -73.99 0.76
CA GLY C 53 -28.26 -75.11 0.45
C GLY C 53 -29.02 -76.25 -0.20
N ASP C 54 -28.29 -77.10 -0.86
CA ASP C 54 -28.94 -78.10 -1.66
C ASP C 54 -29.64 -79.20 -0.91
N LYS C 55 -29.39 -79.37 0.38
CA LYS C 55 -30.15 -80.34 1.17
C LYS C 55 -31.26 -79.67 1.97
N ALA C 56 -31.56 -78.40 1.73
CA ALA C 56 -32.58 -77.76 2.55
C ALA C 56 -33.87 -78.54 2.32
N LYS C 57 -34.72 -78.65 3.31
CA LYS C 57 -36.00 -79.26 3.01
C LYS C 57 -36.85 -78.36 2.16
N ASP C 58 -37.89 -78.93 1.53
CA ASP C 58 -38.64 -78.21 0.53
C ASP C 58 -39.75 -77.46 1.22
N GLU C 59 -39.41 -76.38 1.93
CA GLU C 59 -40.37 -75.58 2.67
C GLU C 59 -39.99 -74.12 2.51
N PHE C 60 -40.84 -73.22 2.90
CA PHE C 60 -40.53 -71.82 2.91
C PHE C 60 -39.59 -71.49 4.06
N HIS C 61 -38.57 -70.75 3.72
CA HIS C 61 -37.60 -70.26 4.61
C HIS C 61 -37.78 -68.73 4.66
N ILE C 62 -37.84 -68.12 5.85
CA ILE C 62 -37.96 -66.68 6.00
C ILE C 62 -36.81 -66.22 6.86
N VAL C 63 -36.03 -65.26 6.39
CA VAL C 63 -35.02 -64.70 7.23
C VAL C 63 -35.35 -63.25 7.47
N GLU C 64 -35.20 -62.78 8.70
CA GLU C 64 -35.47 -61.37 9.14
C GLU C 64 -34.32 -60.79 9.89
N ILE C 65 -34.33 -59.49 9.97
CA ILE C 65 -33.40 -58.71 10.65
C ILE C 65 -34.16 -58.31 11.93
N VAL C 66 -33.51 -58.55 13.09
CA VAL C 66 -33.91 -58.09 14.45
C VAL C 66 -32.86 -57.05 14.87
N ASP C 67 -33.26 -55.89 15.39
CA ASP C 67 -32.27 -54.97 16.16
C ASP C 67 -32.87 -54.14 17.29
N LYS C 74 -38.24 -54.39 16.96
CA LYS C 74 -38.59 -54.63 15.55
C LYS C 74 -37.99 -55.99 15.05
N SER C 75 -38.87 -56.86 14.62
CA SER C 75 -38.45 -57.88 13.62
C SER C 75 -39.03 -57.62 12.20
N VAL C 76 -38.11 -57.51 11.21
CA VAL C 76 -38.42 -57.26 9.76
C VAL C 76 -37.92 -58.37 8.82
N PRO C 77 -38.83 -59.21 8.37
CA PRO C 77 -38.52 -60.17 7.29
C PRO C 77 -38.02 -59.53 5.99
N ILE C 78 -37.04 -60.15 5.35
CA ILE C 78 -36.50 -59.58 4.15
C ILE C 78 -36.34 -60.61 3.06
N ALA C 79 -36.45 -61.90 3.31
CA ALA C 79 -36.40 -62.89 2.19
C ALA C 79 -37.29 -64.06 2.54
N THR C 80 -37.98 -64.56 1.52
CA THR C 80 -38.77 -65.76 1.61
C THR C 80 -38.30 -66.63 0.41
N LEU C 81 -37.89 -67.86 0.74
CA LEU C 81 -37.37 -68.77 -0.27
C LEU C 81 -37.83 -70.20 -0.05
N LYS C 82 -37.83 -70.96 -1.12
CA LYS C 82 -38.23 -72.38 -1.08
C LYS C 82 -37.56 -73.03 -2.29
N PRO C 83 -36.85 -74.14 -2.02
CA PRO C 83 -35.98 -74.75 -2.96
C PRO C 83 -36.59 -74.98 -4.32
N SER C 84 -37.80 -75.47 -4.36
CA SER C 84 -38.40 -75.83 -5.68
C SER C 84 -39.21 -74.65 -6.26
N ILE C 85 -39.16 -73.50 -5.63
CA ILE C 85 -39.89 -72.31 -6.07
C ILE C 85 -38.98 -71.16 -6.38
N LEU C 86 -38.13 -70.75 -5.44
CA LEU C 86 -37.12 -69.72 -5.61
C LEU C 86 -35.99 -70.05 -4.56
N PRO C 87 -34.83 -70.53 -5.03
CA PRO C 87 -33.81 -70.91 -4.08
C PRO C 87 -32.85 -69.82 -3.71
N MET C 88 -32.94 -68.69 -4.33
CA MET C 88 -32.15 -67.58 -3.91
C MET C 88 -32.83 -66.26 -4.35
N ALA C 89 -32.29 -65.23 -3.73
CA ALA C 89 -32.55 -63.88 -4.05
C ALA C 89 -31.26 -62.99 -3.99
N THR C 90 -31.27 -61.95 -4.82
CA THR C 90 -30.31 -60.87 -4.82
C THR C 90 -30.70 -59.72 -3.98
N MET C 91 -29.87 -59.22 -3.09
CA MET C 91 -30.28 -58.12 -2.22
C MET C 91 -29.62 -56.88 -2.74
N VAL C 92 -30.38 -55.80 -2.83
CA VAL C 92 -29.91 -54.59 -3.43
C VAL C 92 -30.17 -53.48 -2.48
N GLY C 93 -29.14 -52.72 -2.21
CA GLY C 93 -29.26 -51.52 -1.45
C GLY C 93 -29.27 -51.71 0.04
N ILE C 94 -29.21 -52.97 0.54
CA ILE C 94 -29.40 -53.16 1.97
C ILE C 94 -28.06 -52.99 2.65
N GLU C 95 -27.86 -51.86 3.34
CA GLU C 95 -26.62 -51.64 4.06
C GLU C 95 -26.85 -51.38 5.51
N LEU C 96 -26.15 -52.08 6.36
CA LEU C 96 -26.54 -52.11 7.76
C LEU C 96 -25.37 -51.75 8.65
N ASP C 97 -25.70 -51.01 9.71
CA ASP C 97 -24.81 -50.70 10.85
C ASP C 97 -24.88 -51.76 11.93
N PRO C 98 -23.69 -52.33 12.32
CA PRO C 98 -23.62 -53.28 13.46
C PRO C 98 -23.91 -52.57 14.72
N PRO C 99 -24.54 -53.28 15.67
CA PRO C 99 -24.77 -54.74 15.54
C PRO C 99 -26.21 -55.09 14.95
N VAL C 100 -26.24 -56.15 14.11
CA VAL C 100 -27.49 -56.73 13.62
C VAL C 100 -27.50 -58.24 13.66
N THR C 101 -28.65 -58.76 14.00
CA THR C 101 -28.83 -60.17 14.11
C THR C 101 -29.79 -60.60 12.98
N PHE C 102 -29.39 -61.63 12.29
CA PHE C 102 -30.21 -62.40 11.40
C PHE C 102 -30.87 -63.63 12.05
N ARG C 103 -32.20 -63.68 11.93
CA ARG C 103 -32.95 -64.82 12.35
C ARG C 103 -33.67 -65.52 11.18
N LEU C 104 -33.63 -66.84 11.26
CA LEU C 104 -34.45 -67.72 10.47
C LEU C 104 -35.79 -67.86 11.16
N LYS C 105 -36.77 -67.12 10.70
CA LYS C 105 -38.05 -67.10 11.28
C LYS C 105 -38.73 -68.35 10.91
N ALA C 106 -38.44 -68.93 9.76
CA ALA C 106 -39.16 -70.20 9.38
C ALA C 106 -38.21 -70.99 8.55
N GLY C 107 -38.43 -72.28 8.50
CA GLY C 107 -37.56 -73.14 7.72
C GLY C 107 -36.37 -73.58 8.53
N SER C 108 -35.73 -74.63 8.02
CA SER C 108 -34.67 -75.30 8.72
C SER C 108 -33.29 -75.24 8.12
N GLY C 109 -33.18 -74.72 6.91
CA GLY C 109 -31.88 -74.31 6.39
C GLY C 109 -31.29 -75.54 5.83
N PRO C 110 -30.09 -75.49 5.33
CA PRO C 110 -29.22 -74.35 5.23
C PRO C 110 -29.65 -73.20 4.34
N LEU C 111 -29.53 -72.02 4.94
CA LEU C 111 -29.73 -70.75 4.28
C LEU C 111 -28.44 -69.93 4.58
N TYR C 112 -27.88 -69.37 3.53
CA TYR C 112 -26.65 -68.60 3.54
C TYR C 112 -26.95 -67.18 3.20
N ILE C 113 -26.39 -66.24 3.92
CA ILE C 113 -26.47 -64.84 3.59
C ILE C 113 -25.10 -64.42 3.18
N SER C 114 -24.93 -63.56 2.18
CA SER C 114 -23.59 -63.14 1.80
C SER C 114 -23.56 -61.64 1.76
N GLY C 115 -22.37 -61.06 1.86
CA GLY C 115 -22.25 -59.63 1.95
C GLY C 115 -20.82 -59.14 1.97
N GLN C 116 -20.68 -57.85 2.16
CA GLN C 116 -19.44 -57.19 2.00
C GLN C 116 -19.41 -56.03 2.95
N HIS C 117 -18.23 -55.88 3.54
CA HIS C 117 -17.84 -54.72 4.33
C HIS C 117 -17.73 -53.57 3.34
N VAL C 118 -18.10 -52.40 3.83
CA VAL C 118 -18.38 -51.26 3.00
C VAL C 118 -18.20 -49.92 3.81
N LEU D 17 -13.07 -55.44 -21.30
CA LEU D 17 -14.21 -55.10 -20.33
C LEU D 17 -14.83 -56.40 -19.75
N ILE D 18 -15.67 -57.06 -20.58
CA ILE D 18 -16.34 -58.33 -20.29
C ILE D 18 -15.38 -59.50 -19.96
N TRP D 19 -15.76 -60.31 -18.99
CA TRP D 19 -15.04 -61.46 -18.51
C TRP D 19 -15.99 -62.59 -18.07
N GLY D 20 -15.58 -63.83 -18.15
CA GLY D 20 -16.36 -64.88 -17.57
C GLY D 20 -15.57 -66.13 -17.32
N CYS D 21 -16.02 -67.01 -16.43
CA CYS D 21 -15.53 -68.42 -16.38
C CYS D 21 -16.63 -69.45 -16.57
N GLU D 22 -16.23 -70.72 -16.59
CA GLU D 22 -17.09 -71.92 -16.62
C GLU D 22 -16.57 -72.82 -15.52
N LEU D 23 -17.32 -73.01 -14.45
CA LEU D 23 -17.15 -74.13 -13.49
C LEU D 23 -17.97 -75.33 -13.92
N ASN D 24 -17.42 -76.54 -13.78
CA ASN D 24 -18.15 -77.80 -13.87
C ASN D 24 -17.53 -78.94 -13.05
N GLU D 25 -17.92 -80.16 -13.40
CA GLU D 25 -17.59 -81.32 -12.59
C GLU D 25 -16.06 -81.69 -12.61
N GLN D 26 -15.39 -81.60 -13.75
CA GLN D 26 -13.90 -81.60 -13.78
C GLN D 26 -13.37 -80.32 -13.15
N ASN D 27 -13.78 -79.17 -13.71
CA ASN D 27 -13.19 -77.88 -13.30
C ASN D 27 -13.95 -77.15 -12.21
N LYS D 28 -13.95 -77.66 -11.02
CA LYS D 28 -14.75 -77.01 -10.03
C LYS D 28 -14.30 -75.64 -9.56
N THR D 29 -13.09 -75.25 -9.97
CA THR D 29 -12.49 -74.03 -9.53
C THR D 29 -11.96 -73.20 -10.66
N PHE D 30 -11.99 -71.90 -10.41
CA PHE D 30 -11.44 -70.92 -11.28
C PHE D 30 -10.93 -69.80 -10.44
N GLU D 31 -9.66 -69.43 -10.69
CA GLU D 31 -8.93 -68.51 -9.82
C GLU D 31 -8.72 -67.29 -10.67
N PHE D 32 -9.20 -66.16 -10.12
CA PHE D 32 -9.07 -64.88 -10.77
C PHE D 32 -7.86 -64.21 -10.17
N LYS D 33 -6.86 -64.03 -11.06
CA LYS D 33 -5.41 -63.96 -10.68
C LYS D 33 -4.80 -62.58 -10.97
N VAL D 34 -4.49 -61.86 -9.86
CA VAL D 34 -3.63 -60.62 -9.76
C VAL D 34 -2.32 -60.61 -10.59
N HIS D 43 -6.60 -53.76 -10.75
CA HIS D 43 -7.71 -53.41 -9.87
C HIS D 43 -9.14 -53.88 -10.36
N GLN D 44 -9.73 -54.88 -9.66
CA GLN D 44 -11.21 -55.08 -9.36
C GLN D 44 -12.18 -55.73 -10.37
N LEU D 45 -12.94 -56.70 -9.82
CA LEU D 45 -13.97 -57.47 -10.60
C LEU D 45 -15.38 -57.24 -10.07
N ALA D 46 -16.28 -56.92 -11.01
CA ALA D 46 -17.73 -56.64 -10.77
C ALA D 46 -18.47 -57.84 -11.35
N LEU D 47 -19.08 -58.67 -10.50
CA LEU D 47 -19.84 -59.75 -11.05
C LEU D 47 -21.09 -59.12 -11.71
N ARG D 48 -21.54 -59.76 -12.79
CA ARG D 48 -22.73 -59.44 -13.49
C ARG D 48 -23.82 -60.52 -13.41
N THR D 49 -23.57 -61.73 -13.86
CA THR D 49 -24.58 -62.78 -13.70
C THR D 49 -23.97 -64.15 -13.53
N VAL D 50 -24.75 -65.10 -13.06
CA VAL D 50 -24.34 -66.46 -12.95
C VAL D 50 -25.44 -67.20 -13.66
N CYS D 51 -25.11 -68.09 -14.59
CA CYS D 51 -26.13 -68.80 -15.26
C CYS D 51 -25.73 -70.22 -15.63
N LEU D 52 -26.72 -71.10 -15.82
CA LEU D 52 -26.43 -72.55 -16.08
C LEU D 52 -26.45 -72.85 -17.58
N GLY D 53 -25.79 -73.92 -18.02
CA GLY D 53 -25.79 -74.19 -19.46
C GLY D 53 -26.92 -75.12 -19.69
N ASP D 54 -27.36 -75.29 -20.92
CA ASP D 54 -28.55 -76.05 -21.20
C ASP D 54 -28.47 -77.53 -20.97
N LYS D 55 -27.36 -78.05 -20.48
CA LYS D 55 -27.20 -79.47 -20.26
C LYS D 55 -26.76 -79.70 -18.88
N ALA D 56 -26.77 -78.71 -18.02
CA ALA D 56 -26.60 -79.01 -16.60
C ALA D 56 -27.66 -79.99 -16.20
N LYS D 57 -27.32 -80.84 -15.27
CA LYS D 57 -28.28 -81.78 -14.92
C LYS D 57 -29.19 -80.96 -14.06
N ASP D 58 -30.35 -81.56 -13.80
CA ASP D 58 -31.41 -80.87 -13.21
C ASP D 58 -31.24 -80.97 -11.75
N GLU D 59 -30.25 -80.28 -11.26
CA GLU D 59 -30.00 -80.33 -9.84
C GLU D 59 -29.49 -78.99 -9.25
N PHE D 60 -29.50 -78.86 -7.91
CA PHE D 60 -29.01 -77.66 -7.28
C PHE D 60 -27.52 -77.41 -7.51
N HIS D 61 -27.16 -76.26 -8.11
CA HIS D 61 -25.80 -75.84 -8.27
C HIS D 61 -25.56 -74.79 -7.29
N ILE D 62 -24.42 -74.74 -6.63
CA ILE D 62 -24.16 -73.70 -5.66
C ILE D 62 -22.71 -73.24 -5.94
N VAL D 63 -22.47 -71.92 -5.88
CA VAL D 63 -21.21 -71.38 -6.27
C VAL D 63 -20.81 -70.52 -5.15
N GLU D 64 -19.59 -70.73 -4.63
CA GLU D 64 -19.19 -69.95 -3.48
C GLU D 64 -17.93 -69.22 -3.81
N ILE D 65 -17.68 -68.17 -3.07
CA ILE D 65 -16.47 -67.40 -3.26
C ILE D 65 -15.52 -67.91 -2.19
N VAL D 66 -14.34 -68.37 -2.58
CA VAL D 66 -13.30 -68.75 -1.56
C VAL D 66 -12.21 -67.67 -1.30
N ASP D 67 -11.86 -67.38 -0.03
CA ASP D 67 -10.80 -66.36 0.33
C ASP D 67 -9.49 -66.84 1.09
N GLN D 68 -8.41 -66.04 0.88
CA GLN D 68 -6.99 -66.21 1.42
C GLN D 68 -6.90 -66.37 2.94
N LYS D 74 -12.96 -68.02 4.58
CA LYS D 74 -12.73 -69.07 3.58
C LYS D 74 -13.82 -69.05 2.50
N SER D 75 -15.05 -69.41 2.90
CA SER D 75 -16.11 -69.83 1.93
C SER D 75 -17.51 -69.31 2.12
N VAL D 76 -17.99 -68.68 1.08
CA VAL D 76 -19.22 -67.89 1.11
C VAL D 76 -20.02 -68.21 -0.17
N PRO D 77 -21.03 -69.11 -0.01
CA PRO D 77 -22.00 -69.44 -1.10
C PRO D 77 -22.72 -68.17 -1.50
N ILE D 78 -22.77 -67.97 -2.81
CA ILE D 78 -23.32 -66.73 -3.38
C ILE D 78 -24.45 -66.94 -4.35
N ALA D 79 -24.58 -68.08 -4.98
CA ALA D 79 -25.71 -68.33 -5.82
C ALA D 79 -26.17 -69.78 -5.63
N THR D 80 -27.50 -70.01 -5.51
CA THR D 80 -28.07 -71.38 -5.69
C THR D 80 -28.93 -71.41 -6.91
N LEU D 81 -28.68 -72.30 -7.87
CA LEU D 81 -29.50 -72.37 -9.10
C LEU D 81 -29.87 -73.78 -9.40
N LYS D 82 -30.83 -73.97 -10.31
CA LYS D 82 -31.32 -75.27 -10.74
C LYS D 82 -32.17 -75.09 -11.94
N PRO D 83 -31.83 -75.79 -13.03
CA PRO D 83 -32.39 -75.51 -14.35
C PRO D 83 -33.90 -75.33 -14.45
N SER D 84 -34.66 -76.17 -13.79
CA SER D 84 -36.12 -76.15 -13.95
C SER D 84 -36.78 -75.33 -12.87
N ILE D 85 -35.99 -74.69 -12.00
CA ILE D 85 -36.45 -73.79 -10.95
C ILE D 85 -35.88 -72.37 -11.20
N LEU D 86 -34.57 -72.16 -11.31
CA LEU D 86 -34.04 -70.79 -11.41
C LEU D 86 -32.77 -70.90 -12.16
N PRO D 87 -32.81 -70.70 -13.44
CA PRO D 87 -31.61 -71.08 -14.02
C PRO D 87 -30.60 -69.94 -14.19
N MET D 88 -30.81 -68.77 -13.59
CA MET D 88 -29.78 -67.77 -13.62
C MET D 88 -30.12 -66.76 -12.53
N ALA D 89 -29.16 -65.90 -12.24
CA ALA D 89 -29.33 -64.81 -11.30
C ALA D 89 -28.43 -63.63 -11.68
N THR D 90 -28.89 -62.44 -11.33
CA THR D 90 -28.19 -61.21 -11.64
C THR D 90 -27.41 -60.86 -10.41
N MET D 91 -26.11 -60.58 -10.53
CA MET D 91 -25.37 -60.12 -9.32
C MET D 91 -25.27 -58.59 -9.31
N VAL D 92 -25.53 -58.04 -8.16
CA VAL D 92 -25.56 -56.60 -7.98
C VAL D 92 -24.68 -56.21 -6.79
N GLY D 93 -23.81 -55.27 -7.05
CA GLY D 93 -22.99 -54.75 -6.06
C GLY D 93 -21.78 -55.59 -5.67
N ILE D 94 -21.55 -56.77 -6.28
CA ILE D 94 -20.43 -57.64 -5.83
C ILE D 94 -19.19 -57.26 -6.63
N GLU D 95 -18.33 -56.50 -5.97
CA GLU D 95 -17.08 -56.00 -6.50
C GLU D 95 -15.90 -56.68 -5.69
N LEU D 96 -15.02 -57.41 -6.37
CA LEU D 96 -13.92 -58.18 -5.73
C LEU D 96 -12.45 -57.81 -6.14
N ASP D 97 -11.56 -57.75 -5.13
CA ASP D 97 -10.08 -57.54 -5.26
C ASP D 97 -9.38 -58.87 -5.52
N PRO D 98 -8.62 -58.99 -6.60
CA PRO D 98 -7.74 -60.19 -6.63
C PRO D 98 -6.75 -60.36 -5.46
N PRO D 99 -6.37 -61.65 -5.17
CA PRO D 99 -7.02 -62.90 -5.77
C PRO D 99 -8.36 -63.22 -5.14
N VAL D 100 -9.22 -63.91 -5.88
CA VAL D 100 -10.39 -64.60 -5.28
C VAL D 100 -10.63 -65.84 -6.11
N THR D 101 -11.06 -66.89 -5.46
CA THR D 101 -11.38 -68.13 -6.21
C THR D 101 -12.91 -68.41 -6.14
N PHE D 102 -13.44 -68.96 -7.22
CA PHE D 102 -14.87 -69.35 -7.31
C PHE D 102 -15.00 -70.89 -7.23
N ARG D 103 -15.78 -71.38 -6.30
CA ARG D 103 -15.99 -72.79 -6.29
C ARG D 103 -17.44 -73.25 -6.52
N LEU D 104 -17.57 -74.24 -7.39
CA LEU D 104 -18.76 -75.02 -7.58
C LEU D 104 -18.97 -76.00 -6.43
N LYS D 105 -19.38 -75.51 -5.30
CA LYS D 105 -19.73 -76.35 -4.22
C LYS D 105 -20.69 -77.52 -4.53
N ALA D 106 -21.73 -77.40 -5.34
CA ALA D 106 -22.64 -78.50 -5.50
C ALA D 106 -23.06 -78.40 -6.92
N GLY D 107 -23.23 -79.50 -7.61
CA GLY D 107 -23.65 -79.53 -8.98
C GLY D 107 -22.67 -79.87 -10.07
N SER D 108 -23.16 -80.32 -11.23
CA SER D 108 -22.33 -80.76 -12.32
C SER D 108 -21.84 -79.68 -13.28
N GLY D 109 -22.63 -78.62 -13.41
CA GLY D 109 -22.27 -77.58 -14.38
C GLY D 109 -22.73 -78.07 -15.69
N PRO D 110 -22.44 -77.36 -16.76
CA PRO D 110 -21.72 -76.13 -16.82
C PRO D 110 -22.42 -74.98 -16.06
N LEU D 111 -21.68 -74.24 -15.23
CA LEU D 111 -22.17 -72.98 -14.68
C LEU D 111 -21.20 -71.85 -15.01
N TYR D 112 -21.74 -70.76 -15.53
CA TYR D 112 -21.00 -69.63 -16.09
C TYR D 112 -21.09 -68.42 -15.15
N ILE D 113 -20.00 -67.72 -14.93
CA ILE D 113 -20.06 -66.54 -14.15
C ILE D 113 -19.70 -65.48 -15.17
N SER D 114 -20.30 -64.30 -15.15
CA SER D 114 -19.80 -63.22 -15.96
C SER D 114 -19.46 -62.06 -15.07
N GLY D 115 -18.62 -61.18 -15.63
CA GLY D 115 -18.09 -60.03 -14.85
C GLY D 115 -17.45 -58.96 -15.72
N GLN D 116 -17.02 -57.90 -15.09
CA GLN D 116 -16.45 -56.78 -15.81
C GLN D 116 -15.41 -56.14 -14.93
N HIS D 117 -14.21 -55.93 -15.46
CA HIS D 117 -13.12 -55.24 -14.68
C HIS D 117 -13.56 -53.85 -14.34
N VAL D 118 -13.41 -53.35 -13.11
CA VAL D 118 -14.05 -52.06 -12.74
C VAL D 118 -13.05 -50.83 -12.53
N ASP E 16 -29.91 -42.63 -21.68
CA ASP E 16 -30.55 -41.67 -22.69
C ASP E 16 -31.71 -42.31 -23.52
N LEU E 17 -31.39 -42.94 -24.68
CA LEU E 17 -32.40 -43.36 -25.69
C LEU E 17 -32.50 -44.96 -25.81
N ILE E 18 -33.73 -45.51 -26.10
CA ILE E 18 -34.02 -46.97 -26.03
C ILE E 18 -33.54 -47.75 -27.27
N TRP E 19 -32.77 -48.79 -27.02
CA TRP E 19 -32.25 -49.69 -28.04
C TRP E 19 -32.68 -51.15 -27.74
N GLY E 20 -32.85 -51.95 -28.82
CA GLY E 20 -33.05 -53.38 -28.70
C GLY E 20 -32.81 -54.20 -29.94
N CYS E 21 -32.73 -55.52 -29.83
CA CYS E 21 -32.62 -56.40 -30.95
C CYS E 21 -33.28 -57.73 -30.64
N GLU E 22 -33.71 -58.43 -31.71
CA GLU E 22 -34.27 -59.74 -31.72
C GLU E 22 -33.23 -60.71 -32.23
N LEU E 23 -32.89 -61.74 -31.47
CA LEU E 23 -32.05 -62.83 -31.91
C LEU E 23 -32.95 -64.07 -32.05
N ASN E 24 -32.74 -64.88 -33.10
CA ASN E 24 -33.46 -66.14 -33.27
C ASN E 24 -32.67 -67.16 -34.06
N GLU E 25 -33.27 -68.29 -34.32
CA GLU E 25 -32.66 -69.43 -34.99
C GLU E 25 -32.03 -69.04 -36.38
N GLN E 26 -32.78 -68.32 -37.21
CA GLN E 26 -32.24 -67.76 -38.44
C GLN E 26 -31.26 -66.60 -38.25
N ASN E 27 -31.26 -65.88 -37.11
CA ASN E 27 -30.39 -64.73 -36.95
C ASN E 27 -29.77 -64.73 -35.60
N LYS E 28 -28.88 -65.66 -35.35
CA LYS E 28 -28.33 -65.84 -34.07
C LYS E 28 -27.40 -64.76 -33.58
N THR E 29 -27.08 -63.80 -34.41
CA THR E 29 -26.08 -62.80 -34.02
C THR E 29 -26.69 -61.49 -34.28
N PHE E 30 -26.32 -60.52 -33.46
CA PHE E 30 -26.55 -59.15 -33.73
C PHE E 30 -25.33 -58.37 -33.23
N GLU E 31 -24.89 -57.46 -34.06
CA GLU E 31 -23.69 -56.76 -33.76
C GLU E 31 -24.06 -55.33 -33.49
N PHE E 32 -23.68 -54.83 -32.33
CA PHE E 32 -23.93 -53.43 -32.05
C PHE E 32 -22.71 -52.64 -32.46
N LYS E 33 -22.91 -51.80 -33.46
CA LYS E 33 -21.83 -50.99 -34.04
C LYS E 33 -21.95 -49.45 -33.86
N VAL E 34 -20.82 -48.91 -33.35
CA VAL E 34 -20.26 -47.55 -33.59
C VAL E 34 -20.93 -46.72 -34.73
N GLU E 42 -16.75 -42.61 -27.74
CA GLU E 42 -17.79 -41.88 -26.99
C GLU E 42 -18.72 -42.95 -26.35
N HIS E 43 -19.82 -43.35 -27.03
CA HIS E 43 -21.05 -43.86 -26.34
C HIS E 43 -21.25 -45.39 -26.16
N GLN E 44 -21.34 -45.82 -24.89
CA GLN E 44 -21.60 -47.20 -24.50
C GLN E 44 -23.07 -47.64 -24.57
N LEU E 45 -23.27 -48.94 -24.56
CA LEU E 45 -24.61 -49.54 -24.48
C LEU E 45 -24.74 -50.12 -23.08
N ALA E 46 -25.70 -49.61 -22.31
CA ALA E 46 -26.07 -50.17 -20.97
C ALA E 46 -27.23 -51.20 -21.23
N LEU E 47 -27.00 -52.47 -20.95
CA LEU E 47 -28.05 -53.46 -21.12
C LEU E 47 -29.13 -53.32 -20.05
N ARG E 48 -30.41 -53.54 -20.39
CA ARG E 48 -31.48 -53.41 -19.36
C ARG E 48 -32.24 -54.72 -19.05
N THR E 49 -32.78 -55.32 -20.10
CA THR E 49 -33.40 -56.62 -19.92
C THR E 49 -33.10 -57.57 -21.06
N VAL E 50 -33.46 -58.82 -20.81
CA VAL E 50 -33.51 -59.83 -21.81
C VAL E 50 -34.77 -60.56 -21.57
N CYS E 51 -35.52 -60.81 -22.63
CA CYS E 51 -36.74 -61.51 -22.52
C CYS E 51 -37.08 -62.26 -23.75
N LEU E 52 -37.96 -63.27 -23.60
CA LEU E 52 -38.30 -64.24 -24.68
C LEU E 52 -39.66 -63.88 -25.33
N GLY E 53 -39.89 -64.33 -26.58
CA GLY E 53 -41.14 -64.04 -27.28
C GLY E 53 -42.19 -65.04 -26.79
N ASP E 54 -43.51 -64.77 -26.99
CA ASP E 54 -44.48 -65.72 -26.52
C ASP E 54 -44.58 -66.93 -27.40
N LYS E 55 -43.87 -66.98 -28.50
CA LYS E 55 -43.80 -68.25 -29.18
C LYS E 55 -42.46 -68.84 -29.13
N ALA E 56 -41.54 -68.48 -28.30
CA ALA E 56 -40.31 -69.25 -28.27
C ALA E 56 -40.63 -70.62 -27.81
N LYS E 57 -39.87 -71.59 -28.19
CA LYS E 57 -40.15 -72.95 -27.76
C LYS E 57 -39.59 -73.04 -26.41
N ASP E 58 -39.97 -74.12 -25.75
CA ASP E 58 -39.89 -74.19 -24.37
C ASP E 58 -38.60 -74.95 -24.16
N GLU E 59 -37.50 -74.22 -24.36
CA GLU E 59 -36.16 -74.71 -24.22
C GLU E 59 -35.22 -73.69 -23.66
N PHE E 60 -34.12 -74.15 -23.11
CA PHE E 60 -33.14 -73.24 -22.57
C PHE E 60 -32.63 -72.32 -23.70
N HIS E 61 -32.69 -70.99 -23.57
CA HIS E 61 -32.02 -70.05 -24.43
C HIS E 61 -30.92 -69.44 -23.63
N ILE E 62 -29.75 -69.25 -24.28
CA ILE E 62 -28.58 -68.67 -23.71
C ILE E 62 -28.07 -67.56 -24.59
N VAL E 63 -27.62 -66.49 -23.96
CA VAL E 63 -27.05 -65.38 -24.69
C VAL E 63 -25.74 -65.09 -24.11
N GLU E 64 -24.79 -64.90 -25.00
CA GLU E 64 -23.39 -64.56 -24.64
C GLU E 64 -22.91 -63.33 -25.42
N ILE E 65 -22.11 -62.53 -24.73
CA ILE E 65 -21.25 -61.48 -25.35
C ILE E 65 -20.01 -62.13 -26.02
N VAL E 66 -19.94 -61.89 -27.33
CA VAL E 66 -18.81 -62.30 -28.14
C VAL E 66 -17.82 -61.12 -28.21
N ASP E 67 -16.71 -61.32 -27.46
CA ASP E 67 -15.46 -60.47 -27.48
C ASP E 67 -14.55 -60.89 -28.64
N GLN E 68 -14.68 -60.19 -29.78
CA GLN E 68 -14.17 -60.62 -31.13
C GLN E 68 -13.11 -59.63 -31.65
N LYS E 74 -13.16 -66.21 -26.59
CA LYS E 74 -13.93 -65.91 -25.34
C LYS E 74 -15.29 -65.25 -25.69
N SER E 75 -16.27 -66.15 -25.70
CA SER E 75 -17.61 -65.76 -25.61
C SER E 75 -18.01 -65.97 -24.12
N VAL E 76 -18.73 -64.97 -23.58
CA VAL E 76 -19.15 -64.97 -22.19
C VAL E 76 -20.71 -65.05 -22.14
N PRO E 77 -21.26 -66.20 -21.75
CA PRO E 77 -22.74 -66.27 -21.49
C PRO E 77 -23.19 -65.30 -20.39
N ILE E 78 -24.34 -64.61 -20.61
CA ILE E 78 -24.82 -63.63 -19.66
C ILE E 78 -26.22 -63.92 -19.20
N ALA E 79 -26.95 -64.75 -19.97
CA ALA E 79 -28.31 -65.05 -19.60
C ALA E 79 -28.73 -66.44 -19.99
N THR E 80 -29.47 -67.12 -19.13
CA THR E 80 -30.18 -68.33 -19.52
C THR E 80 -31.65 -68.16 -19.13
N LEU E 81 -32.51 -68.49 -20.05
CA LEU E 81 -33.93 -68.30 -19.89
C LEU E 81 -34.67 -69.49 -20.43
N LYS E 82 -35.88 -69.75 -19.93
CA LYS E 82 -36.70 -70.79 -20.56
C LYS E 82 -38.14 -70.40 -20.29
N PRO E 83 -39.01 -70.40 -21.33
CA PRO E 83 -40.32 -69.79 -21.19
C PRO E 83 -41.09 -70.30 -19.98
N SER E 84 -41.07 -71.58 -19.66
CA SER E 84 -41.86 -72.06 -18.50
C SER E 84 -41.09 -72.08 -17.16
N ILE E 85 -39.85 -71.66 -17.11
CA ILE E 85 -39.13 -71.56 -15.89
C ILE E 85 -38.84 -70.10 -15.62
N LEU E 86 -38.26 -69.36 -16.58
CA LEU E 86 -37.85 -67.99 -16.37
C LEU E 86 -37.82 -67.26 -17.70
N PRO E 87 -38.90 -66.52 -18.01
CA PRO E 87 -38.95 -65.96 -19.36
C PRO E 87 -38.33 -64.58 -19.53
N MET E 88 -37.68 -64.03 -18.52
CA MET E 88 -36.89 -62.83 -18.75
C MET E 88 -35.95 -62.67 -17.57
N ALA E 89 -35.03 -61.75 -17.67
CA ALA E 89 -34.11 -61.36 -16.59
C ALA E 89 -33.71 -59.92 -16.73
N THR E 90 -33.35 -59.32 -15.62
CA THR E 90 -32.92 -57.93 -15.55
C THR E 90 -31.39 -57.83 -15.45
N MET E 91 -30.80 -57.12 -16.40
CA MET E 91 -29.37 -56.88 -16.40
C MET E 91 -29.10 -55.57 -15.63
N VAL E 92 -28.08 -55.64 -14.80
CA VAL E 92 -27.71 -54.57 -13.94
C VAL E 92 -26.20 -54.45 -14.14
N GLY E 93 -25.73 -53.25 -14.43
CA GLY E 93 -24.32 -52.91 -14.45
C GLY E 93 -23.61 -53.37 -15.72
N ILE E 94 -24.25 -54.07 -16.64
CA ILE E 94 -23.56 -54.36 -17.84
C ILE E 94 -23.51 -53.12 -18.71
N GLU E 95 -22.36 -52.46 -18.80
CA GLU E 95 -22.13 -51.43 -19.77
C GLU E 95 -21.01 -51.83 -20.67
N LEU E 96 -21.19 -51.65 -21.96
CA LEU E 96 -20.31 -52.20 -22.98
C LEU E 96 -19.91 -51.15 -24.00
N ASP E 97 -18.62 -51.15 -24.33
CA ASP E 97 -18.07 -50.41 -25.49
C ASP E 97 -18.14 -51.14 -26.81
N PRO E 98 -18.68 -50.49 -27.81
CA PRO E 98 -18.86 -51.09 -29.12
C PRO E 98 -17.52 -51.12 -29.76
N PRO E 99 -17.19 -52.18 -30.51
CA PRO E 99 -18.14 -53.13 -31.16
C PRO E 99 -18.39 -54.36 -30.29
N VAL E 100 -19.67 -54.68 -30.05
CA VAL E 100 -20.02 -55.98 -29.42
C VAL E 100 -21.02 -56.75 -30.11
N THR E 101 -20.89 -58.03 -29.94
CA THR E 101 -21.74 -58.92 -30.62
C THR E 101 -22.40 -59.82 -29.58
N PHE E 102 -23.69 -60.05 -29.84
CA PHE E 102 -24.56 -60.85 -28.96
C PHE E 102 -24.89 -62.09 -29.71
N ARG E 103 -24.74 -63.23 -29.06
CA ARG E 103 -24.97 -64.47 -29.75
C ARG E 103 -25.90 -65.36 -28.93
N LEU E 104 -26.86 -65.93 -29.65
CA LEU E 104 -27.78 -66.92 -29.19
C LEU E 104 -27.08 -68.24 -29.17
N LYS E 105 -26.37 -68.55 -28.11
CA LYS E 105 -25.66 -69.84 -27.97
C LYS E 105 -26.57 -71.09 -27.96
N ALA E 106 -27.83 -70.98 -27.53
CA ALA E 106 -28.82 -72.07 -27.69
C ALA E 106 -30.19 -71.46 -27.71
N GLY E 107 -31.12 -72.14 -28.31
CA GLY E 107 -32.41 -71.71 -28.28
C GLY E 107 -32.75 -71.19 -29.64
N SER E 108 -34.04 -71.19 -29.93
CA SER E 108 -34.65 -70.81 -31.17
C SER E 108 -35.10 -69.35 -31.25
N GLY E 109 -35.42 -68.80 -30.06
CA GLY E 109 -35.95 -67.45 -29.93
C GLY E 109 -37.36 -67.42 -30.42
N PRO E 110 -37.94 -66.25 -30.60
CA PRO E 110 -37.39 -64.90 -30.37
C PRO E 110 -36.90 -64.62 -28.96
N LEU E 111 -35.69 -64.07 -28.86
CA LEU E 111 -35.11 -63.61 -27.64
C LEU E 111 -34.91 -62.18 -27.93
N TYR E 112 -35.27 -61.26 -27.02
CA TYR E 112 -35.15 -59.81 -27.23
C TYR E 112 -34.17 -59.29 -26.22
N ILE E 113 -33.36 -58.31 -26.55
CA ILE E 113 -32.45 -57.75 -25.60
C ILE E 113 -32.76 -56.22 -25.60
N SER E 114 -32.69 -55.53 -24.45
CA SER E 114 -32.92 -54.14 -24.43
C SER E 114 -31.82 -53.45 -23.79
N GLY E 115 -31.66 -52.18 -24.14
CA GLY E 115 -30.61 -51.36 -23.60
C GLY E 115 -30.75 -49.91 -23.89
N GLN E 116 -29.90 -49.15 -23.22
CA GLN E 116 -29.79 -47.75 -23.50
C GLN E 116 -28.36 -47.31 -23.87
N HIS E 117 -28.20 -46.41 -24.82
CA HIS E 117 -26.94 -45.68 -25.04
C HIS E 117 -26.72 -44.75 -23.84
N VAL E 118 -25.62 -44.92 -23.06
CA VAL E 118 -25.28 -44.03 -21.89
C VAL E 118 -24.16 -42.97 -22.00
N ASP F 16 34.87 36.45 17.53
CA ASP F 16 34.82 37.09 18.86
C ASP F 16 36.00 38.08 19.10
N LEU F 17 37.22 37.57 19.01
CA LEU F 17 38.41 38.09 19.77
C LEU F 17 39.03 39.44 19.25
N ILE F 18 39.45 40.36 20.16
CA ILE F 18 40.10 41.68 19.77
C ILE F 18 41.65 41.64 19.42
N TRP F 19 42.02 42.05 18.21
CA TRP F 19 43.44 42.06 17.78
C TRP F 19 43.90 43.49 17.46
N GLY F 20 45.21 43.70 17.53
CA GLY F 20 45.89 44.97 17.24
C GLY F 20 47.40 44.89 17.06
N CYS F 21 48.00 45.75 16.24
CA CYS F 21 49.45 45.90 16.19
C CYS F 21 49.86 47.34 16.20
N GLU F 22 51.17 47.54 16.33
CA GLU F 22 51.81 48.84 16.17
C GLU F 22 52.91 48.79 15.14
N LEU F 23 52.79 49.68 14.18
CA LEU F 23 53.87 50.03 13.27
C LEU F 23 54.53 51.34 13.75
N ASN F 24 55.85 51.41 13.59
CA ASN F 24 56.59 52.63 13.88
C ASN F 24 57.81 52.60 13.01
N GLU F 25 58.72 53.57 13.26
CA GLU F 25 59.90 53.73 12.45
C GLU F 25 60.82 52.49 12.44
N GLN F 26 61.10 51.92 13.60
CA GLN F 26 61.97 50.77 13.70
C GLN F 26 61.37 49.41 13.18
N ASN F 27 60.04 49.39 13.01
CA ASN F 27 59.23 48.22 12.88
C ASN F 27 58.10 48.54 11.90
N LYS F 28 58.46 48.81 10.66
CA LYS F 28 57.50 49.34 9.71
C LYS F 28 56.46 48.31 9.30
N THR F 29 56.79 47.06 9.52
CA THR F 29 55.99 45.96 9.00
C THR F 29 55.52 45.03 10.12
N PHE F 30 54.28 44.53 9.98
CA PHE F 30 53.77 43.58 10.91
C PHE F 30 52.97 42.57 10.15
N GLU F 31 53.25 41.26 10.37
CA GLU F 31 52.45 40.15 9.76
C GLU F 31 51.50 39.42 10.69
N PHE F 32 50.28 39.36 10.25
CA PHE F 32 49.26 38.61 10.85
C PHE F 32 49.25 37.22 10.16
N LYS F 33 49.32 36.16 10.98
CA LYS F 33 49.48 34.73 10.51
C LYS F 33 48.65 33.94 11.51
N VAL F 34 47.65 33.12 11.11
CA VAL F 34 46.76 32.62 12.23
C VAL F 34 47.51 31.49 13.00
N GLU F 35 47.13 31.37 14.29
CA GLU F 35 47.16 30.09 15.08
C GLU F 35 46.24 29.01 14.45
N GLU F 42 38.82 28.51 7.94
CA GLU F 42 39.57 29.23 8.97
C GLU F 42 39.28 30.79 8.86
N HIS F 43 39.56 31.52 9.93
CA HIS F 43 38.94 32.81 10.18
C HIS F 43 39.48 33.93 9.27
N GLN F 44 38.80 35.07 9.25
CA GLN F 44 39.30 36.29 8.57
C GLN F 44 39.72 37.31 9.59
N LEU F 45 40.47 38.29 9.14
CA LEU F 45 40.78 39.45 10.00
C LEU F 45 39.90 40.61 9.47
N ALA F 46 38.90 41.01 10.26
CA ALA F 46 38.07 42.22 9.94
C ALA F 46 38.78 43.45 10.59
N LEU F 47 39.18 44.42 9.78
CA LEU F 47 39.84 45.64 10.33
C LEU F 47 38.79 46.55 10.98
N ARG F 48 39.12 47.27 12.02
CA ARG F 48 38.18 48.10 12.68
C ARG F 48 38.62 49.60 12.67
N THR F 49 39.86 49.88 13.04
CA THR F 49 40.29 51.25 13.06
C THR F 49 41.76 51.29 12.83
N VAL F 50 42.22 52.42 12.43
CA VAL F 50 43.67 52.76 12.39
C VAL F 50 43.78 54.05 13.18
N CYS F 51 44.77 54.21 14.03
CA CYS F 51 44.79 55.37 14.84
C CYS F 51 46.21 55.71 15.24
N LEU F 52 46.54 56.99 15.45
CA LEU F 52 47.87 57.45 15.64
C LEU F 52 48.10 57.69 17.10
N GLY F 53 49.37 57.55 17.49
CA GLY F 53 49.76 57.74 18.82
C GLY F 53 50.11 59.16 19.17
N ASP F 54 50.00 59.50 20.43
CA ASP F 54 50.12 60.84 20.82
C ASP F 54 51.44 61.53 20.70
N LYS F 55 52.46 60.79 20.37
CA LYS F 55 53.77 61.37 20.12
C LYS F 55 54.27 61.13 18.73
N ALA F 56 53.42 60.64 17.84
CA ALA F 56 53.74 60.65 16.43
C ALA F 56 54.08 62.06 15.93
N LYS F 57 55.00 62.09 14.99
CA LYS F 57 55.43 63.34 14.47
C LYS F 57 54.33 63.83 13.58
N ASP F 58 54.31 65.14 13.35
CA ASP F 58 53.16 65.68 12.66
C ASP F 58 53.49 65.58 11.18
N GLU F 59 53.40 64.40 10.62
CA GLU F 59 53.60 64.18 9.19
C GLU F 59 52.59 63.19 8.69
N PHE F 60 52.42 63.05 7.39
CA PHE F 60 51.50 62.05 6.88
C PHE F 60 52.02 60.58 7.11
N HIS F 61 51.08 59.73 7.50
CA HIS F 61 51.37 58.35 7.81
C HIS F 61 50.56 57.55 6.89
N ILE F 62 51.17 56.66 6.14
CA ILE F 62 50.40 55.79 5.19
C ILE F 62 50.60 54.28 5.63
N VAL F 63 49.54 53.54 5.92
CA VAL F 63 49.60 52.09 6.20
C VAL F 63 49.14 51.41 4.92
N GLU F 64 49.91 50.42 4.45
CA GLU F 64 49.51 49.66 3.22
C GLU F 64 49.47 48.14 3.55
N ILE F 65 48.54 47.44 2.91
CA ILE F 65 48.59 46.01 2.91
C ILE F 65 49.61 45.50 1.87
N VAL F 66 50.52 44.62 2.27
CA VAL F 66 51.51 44.00 1.34
C VAL F 66 51.47 42.47 1.15
N ASP F 67 50.73 41.96 0.17
CA ASP F 67 50.79 40.48 -0.19
C ASP F 67 52.19 40.00 -0.85
N GLN F 68 52.79 38.89 -0.36
CA GLN F 68 54.01 38.18 -1.01
C GLN F 68 55.40 38.92 -1.24
N GLU F 73 55.38 42.26 -2.37
CA GLU F 73 55.68 42.71 -3.73
C GLU F 73 54.49 43.54 -4.30
N LYS F 74 53.24 43.18 -3.95
CA LYS F 74 52.06 43.99 -4.40
C LYS F 74 51.44 44.81 -3.26
N SER F 75 51.63 46.15 -3.29
CA SER F 75 51.17 47.00 -2.18
C SER F 75 49.87 47.80 -2.45
N VAL F 76 48.99 47.86 -1.46
CA VAL F 76 47.78 48.68 -1.53
C VAL F 76 47.76 49.62 -0.30
N PRO F 77 47.93 50.93 -0.55
CA PRO F 77 47.65 51.88 0.52
C PRO F 77 46.16 51.85 0.95
N ILE F 78 45.91 51.77 2.28
CA ILE F 78 44.51 51.77 2.84
C ILE F 78 44.18 52.97 3.74
N ALA F 79 45.19 53.66 4.26
CA ALA F 79 44.89 54.84 5.16
C ALA F 79 46.05 55.78 5.22
N THR F 80 45.77 57.07 5.12
CA THR F 80 46.77 58.15 5.25
C THR F 80 46.19 58.98 6.35
N LEU F 81 46.93 59.24 7.40
CA LEU F 81 46.52 60.04 8.51
C LEU F 81 47.61 61.07 8.87
N LYS F 82 47.29 62.07 9.66
CA LYS F 82 48.36 62.99 10.21
C LYS F 82 47.82 63.62 11.48
N PRO F 83 48.62 63.67 12.54
CA PRO F 83 48.08 64.11 13.87
C PRO F 83 47.22 65.41 13.89
N SER F 84 47.62 66.38 13.09
CA SER F 84 46.94 67.68 13.20
C SER F 84 45.82 67.81 12.21
N ILE F 85 45.58 66.83 11.36
CA ILE F 85 44.57 66.91 10.33
C ILE F 85 43.55 65.81 10.57
N LEU F 86 43.98 64.56 10.71
CA LEU F 86 43.10 63.43 10.84
C LEU F 86 43.82 62.28 11.60
N PRO F 87 43.66 62.20 12.93
CA PRO F 87 44.53 61.26 13.67
C PRO F 87 44.01 59.80 13.72
N MET F 88 42.91 59.48 13.05
CA MET F 88 42.38 58.13 13.06
C MET F 88 41.31 57.98 11.95
N ALA F 89 41.01 56.77 11.54
CA ALA F 89 39.95 56.43 10.58
C ALA F 89 39.30 55.12 11.01
N THR F 90 38.02 55.00 10.67
CA THR F 90 37.28 53.79 10.78
C THR F 90 37.34 53.05 9.47
N MET F 91 37.72 51.80 9.56
CA MET F 91 37.78 50.87 8.44
C MET F 91 36.45 50.11 8.49
N VAL F 92 35.81 49.93 7.35
CA VAL F 92 34.56 49.23 7.32
C VAL F 92 34.68 48.19 6.22
N GLY F 93 34.30 46.97 6.55
CA GLY F 93 34.14 45.94 5.53
C GLY F 93 35.43 45.36 4.98
N ILE F 94 36.60 45.71 5.57
CA ILE F 94 37.87 45.15 5.13
C ILE F 94 38.07 43.85 5.97
N GLU F 95 37.84 42.73 5.27
CA GLU F 95 37.97 41.38 5.79
C GLU F 95 39.02 40.64 4.97
N LEU F 96 40.14 40.36 5.61
CA LEU F 96 41.31 39.83 4.97
C LEU F 96 41.50 38.35 5.38
N ASP F 97 41.83 37.52 4.43
CA ASP F 97 42.18 36.17 4.74
C ASP F 97 43.67 36.06 4.84
N PRO F 98 44.18 35.59 5.97
CA PRO F 98 45.62 35.51 6.24
C PRO F 98 46.37 34.45 5.55
N PRO F 99 47.69 34.58 5.53
CA PRO F 99 48.38 35.65 6.27
C PRO F 99 48.32 37.01 5.48
N VAL F 100 48.31 38.13 6.26
CA VAL F 100 48.36 39.48 5.74
C VAL F 100 49.45 40.25 6.38
N THR F 101 50.05 41.16 5.63
CA THR F 101 51.13 41.98 6.16
C THR F 101 50.76 43.44 5.95
N PHE F 102 51.22 44.26 6.89
CA PHE F 102 50.89 45.66 6.93
C PHE F 102 52.19 46.38 6.98
N ARG F 103 52.34 47.39 6.13
CA ARG F 103 53.53 48.20 6.17
C ARG F 103 53.18 49.66 6.25
N LEU F 104 53.99 50.37 7.00
CA LEU F 104 53.89 51.78 7.21
C LEU F 104 54.78 52.39 6.16
N LYS F 105 54.21 52.68 5.00
CA LYS F 105 54.89 53.26 3.86
C LYS F 105 55.51 54.65 4.12
N ALA F 106 54.95 55.43 5.04
CA ALA F 106 55.46 56.75 5.44
C ALA F 106 55.11 57.06 6.86
N GLY F 107 55.85 57.98 7.40
CA GLY F 107 55.57 58.42 8.75
C GLY F 107 56.31 57.66 9.79
N SER F 108 56.52 58.35 10.92
CA SER F 108 57.32 57.84 12.05
C SER F 108 56.57 56.81 12.81
N GLY F 109 55.24 57.05 12.96
CA GLY F 109 54.31 56.29 13.80
C GLY F 109 54.69 56.76 15.14
N PRO F 110 54.20 56.18 16.21
CA PRO F 110 53.37 54.96 16.37
C PRO F 110 52.09 55.00 15.63
N LEU F 111 51.78 53.95 14.91
CA LEU F 111 50.47 53.89 14.27
C LEU F 111 49.91 52.62 14.82
N TYR F 112 48.67 52.63 15.32
CA TYR F 112 47.97 51.41 15.81
C TYR F 112 46.97 51.01 14.82
N ILE F 113 46.84 49.69 14.56
CA ILE F 113 45.79 49.16 13.66
C ILE F 113 44.96 48.27 14.55
N SER F 114 43.65 48.27 14.42
CA SER F 114 42.84 47.33 15.20
C SER F 114 41.95 46.49 14.32
N GLY F 115 41.40 45.44 14.92
CA GLY F 115 40.64 44.46 14.13
C GLY F 115 40.23 43.34 15.04
N GLN F 116 39.41 42.44 14.45
CA GLN F 116 38.76 41.28 15.11
C GLN F 116 38.83 40.02 14.23
N HIS F 117 39.02 38.88 14.88
CA HIS F 117 38.93 37.56 14.25
C HIS F 117 37.47 37.22 13.93
N VAL F 118 37.13 37.04 12.62
CA VAL F 118 35.72 36.93 12.13
C VAL F 118 35.43 35.63 11.29
N ALA F 119 34.13 35.41 10.99
CA ALA F 119 33.64 34.28 10.14
C ALA F 119 33.91 32.95 10.81
N ASP G 16 17.26 46.36 22.38
CA ASP G 16 18.61 47.00 22.04
C ASP G 16 18.77 48.25 23.00
N LEU G 17 19.25 47.92 24.19
CA LEU G 17 19.51 48.95 25.17
C LEU G 17 20.79 49.78 24.87
N ILE G 18 20.71 51.12 25.05
CA ILE G 18 21.90 51.98 24.95
C ILE G 18 22.79 51.90 26.17
N TRP G 19 24.06 52.11 25.92
CA TRP G 19 25.03 51.99 26.99
C TRP G 19 26.13 52.98 26.75
N GLY G 20 26.72 53.47 27.85
CA GLY G 20 27.76 54.52 27.75
C GLY G 20 28.74 54.58 28.89
N CYS G 21 29.97 55.07 28.72
CA CYS G 21 30.77 55.32 29.92
C CYS G 21 31.58 56.59 29.75
N GLU G 22 31.94 57.24 30.84
CA GLU G 22 32.85 58.38 30.79
C GLU G 22 34.19 57.90 31.35
N LEU G 23 35.27 58.18 30.64
CA LEU G 23 36.61 57.90 31.12
C LEU G 23 37.24 59.26 31.36
N ASN G 24 37.96 59.45 32.47
CA ASN G 24 38.72 60.68 32.66
C ASN G 24 39.92 60.54 33.52
N GLU G 25 40.53 61.66 33.84
CA GLU G 25 41.82 61.61 34.43
C GLU G 25 41.76 60.93 35.78
N GLN G 26 40.66 61.09 36.52
CA GLN G 26 40.55 60.29 37.77
C GLN G 26 39.97 58.86 37.54
N ASN G 27 39.32 58.61 36.42
CA ASN G 27 38.64 57.33 36.20
C ASN G 27 39.03 56.80 34.81
N LYS G 28 40.26 56.35 34.65
CA LYS G 28 40.81 56.06 33.34
C LYS G 28 40.40 54.74 32.74
N THR G 29 39.55 54.03 33.45
CA THR G 29 39.28 52.63 33.23
C THR G 29 37.85 52.46 33.59
N PHE G 30 37.17 51.70 32.78
CA PHE G 30 35.85 51.28 33.08
C PHE G 30 35.72 49.85 32.51
N GLU G 31 35.04 48.98 33.26
CA GLU G 31 34.94 47.62 32.89
C GLU G 31 33.50 47.28 32.63
N PHE G 32 33.21 46.81 31.43
CA PHE G 32 31.90 46.26 31.20
C PHE G 32 31.82 44.77 31.59
N LYS G 33 30.93 44.45 32.55
CA LYS G 33 30.91 43.14 33.26
C LYS G 33 29.61 42.34 32.96
N VAL G 34 29.75 40.99 32.94
CA VAL G 34 28.66 39.98 32.84
C VAL G 34 27.84 39.81 34.15
N GLU G 42 24.65 34.84 25.64
CA GLU G 42 24.07 36.10 26.23
C GLU G 42 24.66 37.48 25.62
N HIS G 43 24.51 38.60 26.35
CA HIS G 43 24.76 39.95 25.77
C HIS G 43 26.25 40.24 25.34
N GLN G 44 26.45 40.50 24.02
CA GLN G 44 27.62 41.27 23.49
C GLN G 44 27.49 42.83 23.46
N LEU G 45 28.59 43.57 23.66
CA LEU G 45 28.54 45.03 23.59
C LEU G 45 28.99 45.43 22.23
N ALA G 46 28.18 46.21 21.54
CA ALA G 46 28.54 46.73 20.20
C ALA G 46 28.83 48.28 20.34
N LEU G 47 30.08 48.66 20.14
CA LEU G 47 30.44 50.09 20.31
C LEU G 47 29.77 50.88 19.27
N ARG G 48 29.35 52.09 19.54
CA ARG G 48 28.87 52.94 18.40
C ARG G 48 29.65 54.21 18.13
N THR G 49 30.09 54.91 19.17
CA THR G 49 30.84 56.15 18.97
C THR G 49 31.78 56.39 20.13
N VAL G 50 32.73 57.25 19.87
CA VAL G 50 33.65 57.76 20.84
C VAL G 50 33.58 59.25 20.55
N CYS G 51 33.37 60.02 21.63
CA CYS G 51 33.31 61.45 21.56
C CYS G 51 33.87 62.13 22.78
N LEU G 52 34.39 63.35 22.65
CA LEU G 52 34.96 64.12 23.82
C LEU G 52 34.00 65.12 24.47
N GLY G 53 34.16 65.41 25.75
CA GLY G 53 33.39 66.48 26.34
C GLY G 53 33.92 67.85 25.94
N ASP G 54 33.13 68.87 26.21
CA ASP G 54 33.49 70.18 25.77
C ASP G 54 34.50 70.87 26.61
N LYS G 55 34.93 70.32 27.75
CA LYS G 55 36.02 70.88 28.56
C LYS G 55 37.25 70.04 28.53
N ALA G 56 37.31 69.03 27.70
CA ALA G 56 38.51 68.23 27.59
C ALA G 56 39.67 69.19 27.20
N LYS G 57 40.87 68.98 27.67
CA LYS G 57 42.02 69.83 27.22
C LYS G 57 42.28 69.49 25.72
N ASP G 58 42.96 70.38 25.02
CA ASP G 58 43.27 70.28 23.63
C ASP G 58 44.52 69.48 23.52
N GLU G 59 44.36 68.17 23.71
CA GLU G 59 45.47 67.19 23.58
C GLU G 59 44.93 65.89 23.02
N PHE G 60 45.80 64.99 22.62
CA PHE G 60 45.37 63.75 22.04
C PHE G 60 44.83 62.87 23.13
N HIS G 61 43.63 62.36 22.92
CA HIS G 61 43.04 61.31 23.73
C HIS G 61 43.10 59.96 22.98
N ILE G 62 43.65 58.88 23.61
CA ILE G 62 43.71 57.49 23.03
C ILE G 62 42.86 56.60 23.94
N VAL G 63 41.90 55.89 23.41
CA VAL G 63 41.13 54.93 24.16
C VAL G 63 41.50 53.57 23.59
N GLU G 64 41.82 52.60 24.49
CA GLU G 64 42.17 51.26 24.11
C GLU G 64 41.35 50.31 24.82
N ILE G 65 41.08 49.19 24.13
CA ILE G 65 40.38 48.04 24.68
C ILE G 65 41.38 47.13 25.35
N VAL G 66 41.13 46.72 26.58
CA VAL G 66 42.08 45.83 27.34
C VAL G 66 41.42 44.51 27.71
N ASP G 67 41.88 43.42 27.12
CA ASP G 67 41.30 42.07 27.29
C ASP G 67 42.37 41.14 27.92
N GLN G 68 41.94 39.95 28.33
CA GLN G 68 42.79 38.74 28.42
C GLN G 68 42.24 37.68 27.37
N GLU G 69 42.83 37.36 26.18
CA GLU G 69 44.28 37.35 25.68
C GLU G 69 45.45 36.57 26.44
N GLU G 70 45.17 35.26 26.55
CA GLU G 70 46.05 34.17 27.06
C GLU G 70 47.23 34.60 27.95
N GLY G 71 46.95 34.78 29.26
CA GLY G 71 47.99 34.99 30.25
C GLY G 71 48.50 36.41 30.43
N ALA G 72 48.38 37.22 29.39
CA ALA G 72 48.77 38.60 29.50
C ALA G 72 47.57 39.50 29.21
N GLU G 73 47.68 40.70 29.76
CA GLU G 73 46.81 41.82 29.44
C GLU G 73 47.20 42.40 28.05
N LYS G 74 46.36 42.13 27.02
CA LYS G 74 46.47 42.69 25.65
C LYS G 74 45.81 44.12 25.56
N SER G 75 46.60 45.14 25.30
CA SER G 75 46.01 46.46 25.05
C SER G 75 45.86 46.79 23.52
N VAL G 76 44.70 47.20 23.08
CA VAL G 76 44.55 47.60 21.70
C VAL G 76 43.90 48.97 21.50
N PRO G 77 44.69 50.00 21.16
CA PRO G 77 44.12 51.30 20.84
C PRO G 77 43.09 51.20 19.80
N ILE G 78 41.95 51.87 19.98
CA ILE G 78 40.92 51.94 18.98
C ILE G 78 40.44 53.30 18.50
N ALA G 79 40.75 54.37 19.24
CA ALA G 79 40.40 55.70 18.79
C ALA G 79 41.44 56.66 19.24
N THR G 80 41.86 57.57 18.37
CA THR G 80 42.71 58.76 18.78
C THR G 80 41.92 60.00 18.43
N LEU G 81 41.75 60.90 19.37
CA LEU G 81 40.90 62.06 19.22
C LEU G 81 41.52 63.32 19.82
N LYS G 82 41.08 64.50 19.36
CA LYS G 82 41.56 65.78 19.96
C LYS G 82 40.64 66.88 19.60
N PRO G 83 40.26 67.68 20.59
CA PRO G 83 39.12 68.63 20.41
C PRO G 83 39.16 69.50 19.17
N SER G 84 40.34 70.07 18.90
CA SER G 84 40.50 71.03 17.80
C SER G 84 40.84 70.29 16.50
N ILE G 85 40.97 68.96 16.53
CA ILE G 85 41.23 68.23 15.31
C ILE G 85 40.14 67.24 14.96
N LEU G 86 39.78 66.41 15.88
CA LEU G 86 38.70 65.44 15.57
C LEU G 86 38.10 65.04 16.96
N PRO G 87 36.94 65.58 17.22
CA PRO G 87 36.40 65.37 18.53
C PRO G 87 35.52 64.16 18.65
N MET G 88 35.42 63.29 17.64
CA MET G 88 34.64 62.06 17.79
C MET G 88 34.90 61.17 16.63
N ALA G 89 34.48 59.91 16.76
CA ALA G 89 34.63 58.88 15.77
C ALA G 89 33.45 57.90 15.91
N THR G 90 32.91 57.52 14.78
CA THR G 90 32.04 56.40 14.61
C THR G 90 32.74 55.08 14.47
N MET G 91 32.34 54.20 15.38
CA MET G 91 32.76 52.78 15.43
C MET G 91 31.81 51.85 14.67
N VAL G 92 32.36 50.93 13.89
CA VAL G 92 31.52 50.06 13.06
C VAL G 92 32.08 48.63 13.24
N GLY G 93 31.20 47.72 13.55
CA GLY G 93 31.52 46.31 13.66
C GLY G 93 32.32 45.91 14.88
N ILE G 94 32.59 46.78 15.81
CA ILE G 94 33.22 46.35 17.05
C ILE G 94 32.13 45.77 17.96
N GLU G 95 32.07 44.42 17.98
CA GLU G 95 31.21 43.61 18.89
C GLU G 95 32.12 42.83 19.80
N LEU G 96 31.85 42.91 21.08
CA LEU G 96 32.75 42.50 22.13
C LEU G 96 32.03 41.63 23.15
N ASP G 97 32.74 40.62 23.61
CA ASP G 97 32.28 39.75 24.67
C ASP G 97 32.67 40.24 25.99
N PRO G 98 31.72 40.42 26.88
CA PRO G 98 32.14 40.71 28.23
C PRO G 98 32.88 39.56 28.84
N PRO G 99 33.84 39.86 29.73
CA PRO G 99 34.15 41.19 30.26
C PRO G 99 35.24 41.92 29.46
N VAL G 100 35.07 43.24 29.24
CA VAL G 100 36.09 44.10 28.58
C VAL G 100 36.35 45.34 29.34
N THR G 101 37.60 45.73 29.38
CA THR G 101 37.91 46.97 29.96
C THR G 101 38.30 47.98 28.84
N PHE G 102 37.96 49.24 29.12
CA PHE G 102 38.24 50.40 28.26
C PHE G 102 39.17 51.24 29.06
N ARG G 103 40.32 51.55 28.48
CA ARG G 103 41.24 52.36 29.17
C ARG G 103 41.60 53.59 28.39
N LEU G 104 41.70 54.67 29.14
CA LEU G 104 42.14 55.90 28.61
C LEU G 104 43.64 56.01 28.62
N LYS G 105 44.33 55.56 27.56
CA LYS G 105 45.81 55.56 27.53
C LYS G 105 46.48 56.96 27.53
N ALA G 106 45.85 57.98 26.93
CA ALA G 106 46.38 59.32 26.96
C ALA G 106 45.21 60.31 27.06
N GLY G 107 45.42 61.48 27.63
CA GLY G 107 44.39 62.42 27.65
C GLY G 107 43.73 62.41 28.98
N SER G 108 43.18 63.56 29.36
CA SER G 108 42.56 63.68 30.67
C SER G 108 41.05 63.58 30.59
N GLY G 109 40.49 63.46 29.40
CA GLY G 109 39.04 63.38 29.29
C GLY G 109 38.40 64.70 29.60
N PRO G 110 37.08 64.70 29.74
CA PRO G 110 36.13 63.57 29.59
C PRO G 110 36.02 62.98 28.18
N LEU G 111 36.08 61.65 28.04
CA LEU G 111 35.85 60.97 26.76
C LEU G 111 34.73 59.99 26.96
N TYR G 112 33.78 59.95 26.04
CA TYR G 112 32.59 59.14 26.24
C TYR G 112 32.60 58.06 25.23
N ILE G 113 32.20 56.83 25.60
CA ILE G 113 31.98 55.78 24.66
C ILE G 113 30.58 55.44 24.76
N SER G 114 29.98 55.06 23.67
CA SER G 114 28.61 54.68 23.68
C SER G 114 28.53 53.36 22.94
N GLY G 115 27.47 52.63 23.27
CA GLY G 115 27.27 51.28 22.75
C GLY G 115 25.89 50.78 22.95
N GLN G 116 25.68 49.58 22.44
CA GLN G 116 24.41 48.88 22.61
C GLN G 116 24.63 47.45 23.13
N HIS G 117 23.88 47.07 24.19
CA HIS G 117 24.02 45.69 24.80
C HIS G 117 23.21 44.84 23.87
N ASP H 16 8.52 52.36 4.94
CA ASP H 16 8.74 53.45 5.91
C ASP H 16 10.06 54.25 5.54
N LEU H 17 10.30 55.41 6.20
CA LEU H 17 10.91 56.61 5.55
C LEU H 17 11.61 57.68 6.50
N ILE H 18 11.91 58.88 5.95
CA ILE H 18 12.84 59.81 6.58
C ILE H 18 12.36 60.66 7.78
N TRP H 19 13.08 60.59 8.91
CA TRP H 19 12.80 61.35 10.17
C TRP H 19 13.87 62.39 10.56
N GLY H 20 13.49 63.40 11.34
CA GLY H 20 14.41 64.45 11.73
C GLY H 20 14.01 65.33 12.90
N CYS H 21 14.96 65.86 13.66
CA CYS H 21 14.65 66.88 14.61
C CYS H 21 15.73 67.87 14.64
N GLU H 22 15.36 69.05 15.15
CA GLU H 22 16.25 70.08 15.54
C GLU H 22 16.31 70.22 17.04
N LEU H 23 17.51 70.25 17.61
CA LEU H 23 17.71 70.77 18.95
C LEU H 23 18.39 72.14 18.92
N ASN H 24 18.09 72.94 19.94
CA ASN H 24 18.77 74.25 20.09
C ASN H 24 18.64 74.78 21.49
N GLU H 25 19.24 75.95 21.66
CA GLU H 25 19.37 76.65 22.94
C GLU H 25 18.00 76.58 23.58
N GLN H 26 16.96 76.96 22.86
CA GLN H 26 15.60 77.02 23.41
C GLN H 26 14.96 75.62 23.55
N ASN H 27 15.22 74.71 22.58
CA ASN H 27 14.58 73.41 22.55
C ASN H 27 15.67 72.35 22.48
N LYS H 28 16.25 72.13 23.63
CA LYS H 28 17.30 71.15 23.90
C LYS H 28 16.93 69.68 23.87
N THR H 29 15.63 69.38 24.04
CA THR H 29 15.19 68.00 24.28
C THR H 29 14.13 67.77 23.18
N PHE H 30 14.24 66.66 22.49
CA PHE H 30 13.22 66.26 21.53
C PHE H 30 12.83 64.78 21.80
N GLU H 31 11.58 64.51 22.11
CA GLU H 31 11.21 63.12 22.35
C GLU H 31 10.71 62.52 21.06
N PHE H 32 11.23 61.35 20.73
CA PHE H 32 10.67 60.59 19.63
C PHE H 32 9.84 59.43 20.16
N LYS H 33 8.50 59.55 19.97
CA LYS H 33 7.52 58.45 20.19
C LYS H 33 6.48 58.19 19.05
N VAL H 34 5.89 56.98 19.09
CA VAL H 34 4.72 56.61 18.27
C VAL H 34 3.65 56.19 19.26
N GLU H 42 5.92 46.01 15.56
CA GLU H 42 7.12 46.51 16.22
C GLU H 42 7.30 47.96 15.78
N HIS H 43 8.51 48.53 15.98
CA HIS H 43 9.03 49.78 15.28
C HIS H 43 10.21 50.60 15.94
N GLN H 44 11.34 50.57 15.24
CA GLN H 44 12.66 50.94 15.75
C GLN H 44 13.09 52.20 14.97
N LEU H 45 13.82 53.10 15.63
CA LEU H 45 14.33 54.31 14.99
C LEU H 45 15.83 54.10 14.78
N ALA H 46 16.24 54.09 13.49
CA ALA H 46 17.63 54.04 13.05
C ALA H 46 18.25 55.47 12.79
N LEU H 47 19.23 55.87 13.56
CA LEU H 47 19.88 57.14 13.33
C LEU H 47 20.74 57.06 12.07
N ARG H 48 20.95 58.18 11.41
CA ARG H 48 21.74 58.20 10.16
C ARG H 48 22.91 59.16 10.21
N THR H 49 22.62 60.42 10.44
CA THR H 49 23.63 61.48 10.58
C THR H 49 23.25 62.53 11.69
N VAL H 50 24.22 63.30 12.14
CA VAL H 50 24.00 64.41 13.02
C VAL H 50 24.77 65.54 12.32
N CYS H 51 24.15 66.73 12.23
CA CYS H 51 24.83 67.88 11.62
C CYS H 51 24.41 69.21 12.12
N LEU H 52 25.29 70.18 11.91
CA LEU H 52 25.12 71.53 12.50
C LEU H 52 24.58 72.48 11.46
N GLY H 53 23.74 73.38 11.98
CA GLY H 53 23.19 74.42 11.15
C GLY H 53 24.28 75.45 10.87
N ASP H 54 24.15 76.18 9.77
CA ASP H 54 25.18 77.05 9.29
C ASP H 54 25.43 78.31 10.10
N LYS H 55 24.46 78.69 10.94
CA LYS H 55 24.70 79.77 11.91
C LYS H 55 24.96 79.33 13.32
N ALA H 56 25.28 78.03 13.54
CA ALA H 56 25.59 77.56 14.87
C ALA H 56 26.86 78.36 15.33
N LYS H 57 26.90 78.64 16.60
CA LYS H 57 28.12 79.17 17.15
C LYS H 57 29.26 78.15 17.11
N ASP H 58 30.48 78.70 17.16
CA ASP H 58 31.68 77.99 16.99
C ASP H 58 32.06 77.51 18.35
N GLU H 59 31.37 76.51 18.80
CA GLU H 59 31.57 75.96 20.11
C GLU H 59 31.27 74.46 20.02
N PHE H 60 31.67 73.70 21.04
CA PHE H 60 31.39 72.26 21.10
C PHE H 60 29.92 72.01 21.38
N HIS H 61 29.28 71.22 20.51
CA HIS H 61 27.89 70.77 20.66
C HIS H 61 27.91 69.30 20.99
N ILE H 62 27.29 68.89 22.06
CA ILE H 62 27.27 67.51 22.38
C ILE H 62 25.83 66.98 22.41
N VAL H 63 25.53 65.86 21.76
CA VAL H 63 24.19 65.29 21.75
C VAL H 63 24.24 63.96 22.45
N GLU H 64 23.21 63.77 23.29
CA GLU H 64 23.05 62.57 24.08
C GLU H 64 21.72 61.92 23.85
N ILE H 65 21.69 60.61 24.20
CA ILE H 65 20.43 59.84 24.28
C ILE H 65 20.02 59.68 25.73
N VAL H 66 18.74 59.89 26.01
CA VAL H 66 18.22 59.66 27.40
C VAL H 66 17.11 58.61 27.35
N ASP H 67 17.23 57.53 28.14
CA ASP H 67 16.22 56.45 28.23
C ASP H 67 16.21 55.93 29.62
N GLN H 68 15.13 55.24 29.97
CA GLN H 68 15.08 54.49 31.26
C GLN H 68 15.67 53.15 30.95
N GLU H 69 16.41 52.62 31.87
CA GLU H 69 16.77 51.24 31.76
C GLU H 69 17.72 50.98 32.91
N GLU H 70 17.80 49.75 33.41
CA GLU H 70 16.64 49.00 33.83
C GLU H 70 16.26 49.76 35.13
N GLY H 71 15.24 50.63 35.05
CA GLY H 71 14.91 51.54 36.20
C GLY H 71 15.87 52.62 36.75
N ALA H 72 16.82 53.14 35.97
CA ALA H 72 17.42 54.48 36.28
C ALA H 72 17.38 55.24 35.00
N GLU H 73 17.47 56.54 35.03
CA GLU H 73 17.47 57.30 33.77
C GLU H 73 18.91 57.33 33.33
N LYS H 74 19.14 56.74 32.16
CA LYS H 74 20.47 56.72 31.52
C LYS H 74 20.60 57.89 30.48
N SER H 75 21.74 58.57 30.61
CA SER H 75 22.22 59.54 29.57
C SER H 75 23.52 59.19 28.79
N VAL H 76 23.45 58.99 27.49
CA VAL H 76 24.64 58.59 26.73
C VAL H 76 24.99 59.57 25.63
N PRO H 77 26.05 60.37 25.82
CA PRO H 77 26.61 61.13 24.73
C PRO H 77 27.00 60.26 23.54
N ILE H 78 26.58 60.65 22.33
CA ILE H 78 26.89 59.90 21.11
C ILE H 78 27.56 60.75 20.01
N ALA H 79 27.54 62.08 20.17
CA ALA H 79 28.16 62.98 19.21
C ALA H 79 28.62 64.36 19.86
N THR H 80 29.91 64.67 19.68
CA THR H 80 30.51 65.99 19.77
C THR H 80 30.93 66.57 18.42
N LEU H 81 30.57 67.85 18.19
CA LEU H 81 30.79 68.54 16.93
C LEU H 81 31.01 70.01 17.21
N LYS H 82 31.55 70.69 16.21
CA LYS H 82 31.85 72.09 16.30
C LYS H 82 32.10 72.56 14.91
N PRO H 83 31.50 73.69 14.57
CA PRO H 83 31.48 74.12 13.15
C PRO H 83 32.76 74.22 12.42
N SER H 84 33.83 74.64 13.09
CA SER H 84 35.11 74.84 12.41
C SER H 84 36.02 73.62 12.52
N ILE H 85 35.59 72.61 13.29
CA ILE H 85 36.37 71.35 13.48
C ILE H 85 35.67 70.19 12.76
N LEU H 86 34.39 69.93 13.07
CA LEU H 86 33.69 68.79 12.58
C LEU H 86 32.23 69.14 12.64
N PRO H 87 31.70 69.57 11.49
CA PRO H 87 30.31 69.95 11.54
C PRO H 87 29.30 68.83 11.32
N MET H 88 29.73 67.60 11.07
CA MET H 88 28.73 66.51 10.98
C MET H 88 29.35 65.13 11.35
N ALA H 89 28.57 64.08 11.58
CA ALA H 89 29.07 62.75 11.85
C ALA H 89 28.06 61.80 11.20
N THR H 90 28.55 60.69 10.60
CA THR H 90 27.67 59.61 10.20
C THR H 90 27.43 58.68 11.36
N MET H 91 26.17 58.39 11.61
CA MET H 91 25.76 57.43 12.63
C MET H 91 25.59 56.04 11.96
N VAL H 92 26.10 54.99 12.57
CA VAL H 92 25.97 53.71 11.93
C VAL H 92 25.54 52.69 12.93
N GLY H 93 24.63 51.83 12.53
CA GLY H 93 24.06 50.84 13.42
C GLY H 93 23.33 51.23 14.73
N ILE H 94 23.06 52.51 15.00
CA ILE H 94 22.34 52.89 16.20
C ILE H 94 20.90 52.72 15.86
N GLU H 95 20.24 51.78 16.52
CA GLU H 95 18.80 51.45 16.34
C GLU H 95 18.15 51.50 17.70
N LEU H 96 17.09 52.22 17.84
CA LEU H 96 16.50 52.51 19.16
C LEU H 96 14.97 52.29 19.23
N ASP H 97 14.53 51.96 20.45
CA ASP H 97 13.10 51.71 20.75
C ASP H 97 12.38 52.89 21.32
N PRO H 98 11.32 53.33 20.63
CA PRO H 98 10.37 54.29 21.14
C PRO H 98 9.89 53.83 22.47
N PRO H 99 9.81 54.72 23.44
CA PRO H 99 10.17 56.15 23.30
C PRO H 99 11.65 56.38 23.71
N VAL H 100 12.31 57.33 23.01
CA VAL H 100 13.63 57.87 23.45
C VAL H 100 13.79 59.34 23.22
N THR H 101 14.55 59.95 24.10
CA THR H 101 14.79 61.35 24.04
C THR H 101 16.20 61.65 23.46
N PHE H 102 16.30 62.76 22.76
CA PHE H 102 17.58 63.27 22.38
C PHE H 102 17.77 64.58 23.06
N ARG H 103 18.96 64.79 23.63
CA ARG H 103 19.27 65.98 24.37
C ARG H 103 20.66 66.61 24.11
N LEU H 104 20.62 67.92 23.89
CA LEU H 104 21.74 68.77 23.51
C LEU H 104 22.36 69.14 24.80
N LYS H 105 23.18 68.25 25.30
CA LYS H 105 24.00 68.43 26.44
C LYS H 105 24.87 69.67 26.42
N ALA H 106 25.50 69.99 25.30
CA ALA H 106 26.18 71.29 25.17
C ALA H 106 25.92 71.93 23.82
N GLY H 107 26.15 73.24 23.73
CA GLY H 107 25.95 73.99 22.49
C GLY H 107 24.58 74.67 22.33
N SER H 108 24.52 75.65 21.45
CA SER H 108 23.41 76.59 21.26
C SER H 108 22.53 76.04 20.12
N GLY H 109 23.15 75.24 19.27
CA GLY H 109 22.47 74.85 18.05
C GLY H 109 22.38 75.95 17.02
N PRO H 110 21.66 75.70 15.95
CA PRO H 110 20.92 74.45 15.64
C PRO H 110 21.72 73.18 15.41
N LEU H 111 21.16 72.06 15.87
CA LEU H 111 21.80 70.74 15.62
C LEU H 111 20.66 69.86 15.11
N TYR H 112 20.83 69.28 13.93
CA TYR H 112 19.85 68.46 13.29
C TYR H 112 20.26 67.02 13.48
N ILE H 113 19.31 66.14 13.77
CA ILE H 113 19.50 64.70 13.78
C ILE H 113 18.61 64.10 12.75
N SER H 114 19.11 63.19 11.99
CA SER H 114 18.27 62.51 11.05
C SER H 114 18.21 61.03 11.37
N GLY H 115 17.16 60.42 10.80
CA GLY H 115 16.86 58.99 10.90
C GLY H 115 15.86 58.33 9.91
N GLN H 116 15.63 57.02 10.11
CA GLN H 116 14.58 56.24 9.41
C GLN H 116 13.82 55.34 10.38
N HIS H 117 12.49 55.44 10.34
CA HIS H 117 11.53 54.54 11.01
C HIS H 117 11.62 53.17 10.37
N VAL H 118 12.11 52.15 11.12
CA VAL H 118 12.68 50.84 10.58
C VAL H 118 11.89 49.58 11.07
N LEU I 17 23.10 50.10 -10.92
CA LEU I 17 24.12 50.98 -11.59
C LEU I 17 24.32 52.26 -10.74
N ILE I 18 25.50 52.92 -10.91
CA ILE I 18 25.83 54.10 -10.10
C ILE I 18 25.14 55.39 -10.51
N TRP I 19 24.54 56.07 -9.54
CA TRP I 19 23.82 57.33 -9.75
C TRP I 19 24.47 58.61 -9.03
N GLY I 20 24.14 59.80 -9.57
CA GLY I 20 24.68 61.11 -9.14
C GLY I 20 23.82 62.37 -9.40
N CYS I 21 23.86 63.39 -8.52
CA CYS I 21 23.41 64.72 -8.92
C CYS I 21 24.39 65.83 -8.49
N GLU I 22 24.22 67.01 -9.13
CA GLU I 22 24.89 68.24 -8.73
C GLU I 22 23.85 69.19 -8.19
N LEU I 23 23.95 69.67 -6.96
CA LEU I 23 23.17 70.83 -6.57
C LEU I 23 24.14 72.05 -6.48
N ASN I 24 23.57 73.26 -6.73
CA ASN I 24 24.22 74.60 -6.66
C ASN I 24 23.24 75.80 -6.50
N GLU I 25 23.77 77.01 -6.37
CA GLU I 25 22.94 78.25 -6.13
C GLU I 25 21.77 78.39 -7.13
N GLN I 26 22.07 78.16 -8.39
CA GLN I 26 21.08 78.13 -9.46
C GLN I 26 20.07 76.97 -9.29
N ASN I 27 20.62 75.73 -9.12
CA ASN I 27 19.85 74.50 -9.06
C ASN I 27 19.83 73.89 -7.66
N LYS I 28 19.13 74.54 -6.75
CA LYS I 28 19.13 74.15 -5.34
C LYS I 28 18.51 72.76 -5.09
N THR I 29 17.75 72.29 -6.08
CA THR I 29 16.85 71.16 -5.96
C THR I 29 17.04 70.15 -7.07
N PHE I 30 16.95 68.87 -6.70
CA PHE I 30 16.93 67.72 -7.59
C PHE I 30 15.99 66.59 -7.06
N GLU I 31 15.00 66.25 -7.88
CA GLU I 31 13.99 65.20 -7.58
C GLU I 31 14.40 63.83 -8.08
N PHE I 32 14.08 62.83 -7.26
CA PHE I 32 14.24 61.45 -7.70
C PHE I 32 12.95 60.64 -7.97
N LYS I 33 12.86 60.16 -9.24
CA LYS I 33 11.67 59.58 -10.03
C LYS I 33 10.32 59.33 -9.35
N HIS I 43 12.82 49.07 -7.05
CA HIS I 43 14.15 49.69 -6.74
C HIS I 43 14.06 50.95 -5.80
N GLN I 44 14.97 51.01 -4.81
CA GLN I 44 15.17 52.17 -3.96
C GLN I 44 16.52 52.80 -4.32
N LEU I 45 16.79 54.01 -3.78
CA LEU I 45 18.07 54.69 -3.94
C LEU I 45 18.81 54.59 -2.57
N ALA I 46 19.97 53.95 -2.57
CA ALA I 46 20.96 54.04 -1.48
C ALA I 46 21.97 55.18 -1.75
N LEU I 47 22.04 56.15 -0.84
CA LEU I 47 23.11 57.11 -0.89
C LEU I 47 24.46 56.46 -0.55
N ARG I 48 25.51 56.85 -1.24
CA ARG I 48 26.87 56.51 -0.89
C ARG I 48 27.75 57.65 -0.33
N THR I 49 27.98 58.71 -1.11
CA THR I 49 28.70 59.88 -0.62
C THR I 49 27.97 61.23 -0.90
N VAL I 50 28.43 62.25 -0.20
CA VAL I 50 28.12 63.65 -0.43
C VAL I 50 29.46 64.32 -0.45
N CYS I 51 29.68 65.17 -1.44
CA CYS I 51 30.97 65.79 -1.52
C CYS I 51 30.96 67.11 -2.34
N LEU I 52 31.92 67.99 -2.09
CA LEU I 52 31.88 69.32 -2.67
C LEU I 52 32.81 69.47 -3.88
N GLY I 53 32.44 70.32 -4.81
CA GLY I 53 33.36 70.74 -5.90
C GLY I 53 34.51 71.58 -5.42
N ASP I 54 35.62 71.50 -6.12
CA ASP I 54 36.79 72.19 -5.77
C ASP I 54 36.74 73.75 -5.86
N LYS I 55 35.65 74.29 -6.40
CA LYS I 55 35.33 75.73 -6.52
C LYS I 55 34.11 76.14 -5.68
N ALA I 56 33.57 75.24 -4.91
CA ALA I 56 32.58 75.66 -3.93
C ALA I 56 33.22 76.77 -3.08
N LYS I 57 32.46 77.79 -2.77
CA LYS I 57 32.92 78.82 -1.84
C LYS I 57 33.06 78.24 -0.42
N ASP I 58 33.89 78.88 0.39
CA ASP I 58 34.25 78.44 1.71
C ASP I 58 33.16 78.88 2.73
N GLU I 59 32.04 78.14 2.72
CA GLU I 59 30.88 78.46 3.52
C GLU I 59 30.23 77.15 3.93
N PHE I 60 29.36 77.19 4.93
CA PHE I 60 28.58 76.06 5.24
C PHE I 60 27.61 75.69 4.09
N HIS I 61 27.65 74.43 3.64
CA HIS I 61 26.63 73.81 2.74
C HIS I 61 25.83 72.83 3.49
N ILE I 62 24.50 72.85 3.32
CA ILE I 62 23.65 71.89 3.93
C ILE I 62 22.75 71.26 2.91
N VAL I 63 22.65 69.93 2.93
CA VAL I 63 21.74 69.21 2.08
C VAL I 63 20.71 68.50 2.95
N GLU I 64 19.42 68.69 2.60
CA GLU I 64 18.29 68.13 3.33
C GLU I 64 17.56 67.22 2.36
N ILE I 65 16.68 66.42 2.92
CA ILE I 65 15.73 65.63 2.15
C ILE I 65 14.39 66.26 2.37
N VAL I 66 13.68 66.51 1.28
CA VAL I 66 12.25 66.89 1.42
C VAL I 66 11.28 65.80 0.89
N ASP I 67 10.24 65.53 1.69
CA ASP I 67 9.06 64.74 1.28
C ASP I 67 7.80 65.04 2.12
N GLN I 68 6.66 64.53 1.59
CA GLN I 68 5.37 64.50 2.32
C GLN I 68 5.30 63.31 3.30
N GLU I 69 5.01 63.60 4.58
CA GLU I 69 4.84 62.62 5.70
C GLU I 69 3.49 62.91 6.37
N GLU I 70 2.66 61.87 6.42
CA GLU I 70 1.20 62.04 6.28
C GLU I 70 0.86 63.15 5.22
N GLY I 71 0.39 64.30 5.70
CA GLY I 71 -0.03 65.38 4.80
C GLY I 71 0.47 66.72 5.27
N ALA I 72 1.70 66.66 5.83
CA ALA I 72 2.61 67.83 5.93
C ALA I 72 3.97 67.59 5.15
N GLU I 73 4.54 68.66 4.56
CA GLU I 73 5.95 68.61 3.97
C GLU I 73 7.02 68.60 5.10
N LYS I 74 7.92 67.61 5.13
CA LYS I 74 8.95 67.54 6.20
C LYS I 74 10.33 67.68 5.58
N VAL I 75 11.13 68.56 6.12
CA VAL I 75 12.48 68.80 5.55
C VAL I 75 13.48 68.32 6.59
N VAL I 76 14.34 67.41 6.17
CA VAL I 76 15.35 66.84 7.09
C VAL I 76 16.76 67.03 6.56
N PRO I 77 17.55 67.88 7.23
CA PRO I 77 18.98 68.03 6.95
C PRO I 77 19.75 66.76 7.19
N ILE I 78 20.58 66.39 6.24
CA ILE I 78 21.35 65.14 6.40
C ILE I 78 22.90 65.27 6.37
N ALA I 79 23.46 66.44 5.97
CA ALA I 79 24.88 66.66 5.78
C ALA I 79 25.23 68.20 5.88
N THR I 80 26.14 68.59 6.73
CA THR I 80 26.74 69.94 6.63
C THR I 80 28.21 69.78 6.16
N LEU I 81 28.58 70.41 5.04
CA LEU I 81 29.98 70.48 4.60
C LEU I 81 30.55 71.90 4.46
N LYS I 82 31.88 72.01 4.42
CA LYS I 82 32.58 73.27 4.12
C LYS I 82 33.99 72.89 3.64
N PRO I 83 34.43 73.44 2.53
CA PRO I 83 35.64 73.01 1.90
C PRO I 83 36.87 72.91 2.81
N SER I 84 37.08 73.93 3.61
CA SER I 84 38.26 73.95 4.49
C SER I 84 38.02 73.25 5.87
N ILE I 85 36.84 72.71 6.13
CA ILE I 85 36.62 72.01 7.36
C ILE I 85 36.44 70.50 7.06
N LEU I 86 35.58 70.14 6.14
CA LEU I 86 35.16 68.79 5.93
C LEU I 86 34.48 68.76 4.55
N PRO I 87 35.23 68.45 3.48
CA PRO I 87 34.69 68.52 2.16
C PRO I 87 33.85 67.31 1.62
N MET I 88 33.74 66.21 2.36
CA MET I 88 32.85 65.11 1.97
C MET I 88 32.42 64.31 3.18
N ALA I 89 31.32 63.59 3.08
CA ALA I 89 30.83 62.71 4.12
C ALA I 89 30.40 61.42 3.47
N THR I 90 30.55 60.30 4.19
CA THR I 90 29.97 58.98 3.76
C THR I 90 28.59 58.75 4.26
N MET I 91 27.66 58.42 3.38
CA MET I 91 26.25 58.17 3.81
C MET I 91 26.13 56.65 4.00
N VAL I 92 25.67 56.23 5.17
CA VAL I 92 25.57 54.82 5.52
C VAL I 92 24.12 54.55 5.84
N GLY I 93 23.57 53.52 5.20
CA GLY I 93 22.28 53.01 5.52
C GLY I 93 21.14 53.89 5.09
N ILE I 94 21.37 54.90 4.27
CA ILE I 94 20.22 55.76 3.90
C ILE I 94 19.68 55.12 2.67
N GLU I 95 18.49 54.56 2.80
CA GLU I 95 17.77 53.90 1.66
C GLU I 95 16.38 54.47 1.52
N LEU I 96 16.11 54.94 0.31
CA LEU I 96 14.99 55.85 0.01
C LEU I 96 14.19 55.37 -1.20
N ASP I 97 12.87 55.41 -0.99
CA ASP I 97 11.76 55.17 -1.99
C ASP I 97 11.48 56.40 -2.85
N PRO I 98 11.55 56.24 -4.19
CA PRO I 98 11.04 57.32 -5.07
C PRO I 98 9.56 57.48 -4.83
N PRO I 99 9.02 58.73 -4.90
CA PRO I 99 9.77 59.98 -5.24
C PRO I 99 10.47 60.67 -4.02
N VAL I 100 11.78 61.01 -4.17
CA VAL I 100 12.54 61.89 -3.23
C VAL I 100 13.23 63.11 -3.86
N THR I 101 13.23 64.21 -3.14
CA THR I 101 14.09 65.35 -3.50
C THR I 101 15.15 65.70 -2.40
N PHE I 102 16.34 66.05 -2.93
CA PHE I 102 17.47 66.65 -2.22
C PHE I 102 17.53 68.20 -2.47
N ARG I 103 17.46 68.98 -1.40
CA ARG I 103 17.63 70.44 -1.47
C ARG I 103 18.88 70.99 -0.79
N LEU I 104 19.66 71.76 -1.55
CA LEU I 104 20.70 72.66 -0.99
C LEU I 104 20.14 73.77 -0.08
N LYS I 105 19.84 73.49 1.17
CA LYS I 105 19.33 74.45 2.12
C LYS I 105 20.34 75.59 2.47
N ALA I 106 21.63 75.42 2.28
CA ALA I 106 22.51 76.53 2.49
C ALA I 106 23.66 76.22 1.62
N GLY I 107 24.35 77.28 1.23
CA GLY I 107 25.51 77.11 0.42
C GLY I 107 25.20 77.12 -1.05
N SER I 108 26.27 77.31 -1.84
CA SER I 108 26.31 77.67 -3.28
C SER I 108 26.63 76.51 -4.19
N GLY I 109 27.13 75.45 -3.59
CA GLY I 109 27.70 74.34 -4.37
C GLY I 109 28.81 74.83 -5.24
N PRO I 110 29.24 74.01 -6.19
CA PRO I 110 28.70 72.65 -6.50
C PRO I 110 28.85 71.61 -5.37
N LEU I 111 27.74 70.97 -5.04
CA LEU I 111 27.74 69.85 -4.11
C LEU I 111 27.25 68.59 -4.93
N TYR I 112 28.04 67.52 -4.88
CA TYR I 112 27.61 66.26 -5.48
C TYR I 112 27.05 65.21 -4.48
N ILE I 113 26.02 64.47 -4.85
CA ILE I 113 25.50 63.38 -4.07
C ILE I 113 25.77 62.19 -4.96
N SER I 114 26.39 61.11 -4.47
CA SER I 114 26.46 59.86 -5.19
C SER I 114 25.55 58.87 -4.54
N GLY I 115 25.25 57.79 -5.25
CA GLY I 115 24.24 56.81 -4.78
C GLY I 115 24.12 55.61 -5.75
N GLN I 116 23.36 54.60 -5.34
CA GLN I 116 23.10 53.39 -6.15
C GLN I 116 21.68 52.91 -6.05
N HIS I 117 21.25 52.24 -7.10
CA HIS I 117 19.98 51.41 -7.07
C HIS I 117 20.16 50.05 -6.41
N VAL I 118 19.16 49.64 -5.64
CA VAL I 118 19.36 48.55 -4.69
C VAL I 118 18.04 47.82 -4.45
N LEU J 17 43.97 39.43 -2.34
CA LEU J 17 42.57 39.61 -2.85
C LEU J 17 42.18 41.11 -2.62
N ILE J 18 42.88 41.76 -1.68
CA ILE J 18 42.96 43.23 -1.68
C ILE J 18 43.41 43.77 -3.05
N TRP J 19 42.68 44.74 -3.59
CA TRP J 19 43.07 45.46 -4.80
C TRP J 19 43.24 46.95 -4.49
N GLY J 20 44.06 47.63 -5.27
CA GLY J 20 44.23 49.09 -5.24
C GLY J 20 44.76 49.66 -6.57
N CYS J 21 44.53 50.97 -6.81
CA CYS J 21 45.20 51.74 -7.92
C CYS J 21 45.52 53.21 -7.59
N GLU J 22 46.43 53.79 -8.38
CA GLU J 22 46.94 55.14 -8.23
C GLU J 22 46.47 56.02 -9.38
N LEU J 23 45.75 57.08 -9.08
CA LEU J 23 45.52 58.14 -10.03
C LEU J 23 46.52 59.29 -9.77
N ASN J 24 47.18 59.80 -10.83
CA ASN J 24 47.97 61.05 -10.77
C ASN J 24 47.73 62.00 -11.95
N GLU J 25 48.42 63.14 -11.94
CA GLU J 25 48.52 64.14 -13.06
C GLU J 25 48.61 63.42 -14.44
N GLN J 26 49.56 62.48 -14.52
CA GLN J 26 49.79 61.61 -15.71
C GLN J 26 48.75 60.54 -16.02
N ASN J 27 48.32 59.84 -14.98
CA ASN J 27 47.44 58.71 -15.11
C ASN J 27 46.15 59.01 -14.35
N LYS J 28 45.41 59.96 -14.89
CA LYS J 28 44.19 60.44 -14.29
C LYS J 28 43.05 59.46 -14.28
N THR J 29 43.10 58.53 -15.23
CA THR J 29 42.10 57.48 -15.41
C THR J 29 42.76 56.15 -15.12
N PHE J 30 41.98 55.26 -14.51
CA PHE J 30 42.38 53.84 -14.28
C PHE J 30 41.15 52.96 -14.32
N GLU J 31 41.29 51.90 -15.14
CA GLU J 31 40.20 50.98 -15.46
C GLU J 31 40.47 49.66 -14.80
N PHE J 32 39.43 49.13 -14.18
CA PHE J 32 39.50 47.83 -13.58
C PHE J 32 38.62 46.87 -14.43
N LYS J 33 39.31 45.87 -15.03
CA LYS J 33 38.73 44.77 -15.86
C LYS J 33 39.12 43.45 -15.16
N VAL J 34 38.21 42.48 -15.07
CA VAL J 34 38.64 41.15 -14.55
C VAL J 34 39.30 40.37 -15.70
N LYS J 40 38.99 34.74 -13.92
CA LYS J 40 38.00 35.32 -13.00
C LYS J 40 36.66 35.73 -13.71
N CYS J 41 35.61 35.85 -12.89
CA CYS J 41 34.15 35.81 -13.31
C CYS J 41 33.28 34.87 -12.30
N GLU J 42 32.15 35.35 -11.70
CA GLU J 42 31.52 36.72 -11.94
C GLU J 42 31.36 37.75 -10.71
N HIS J 43 32.44 38.46 -10.37
CA HIS J 43 32.62 39.12 -9.06
C HIS J 43 32.53 40.64 -9.15
N GLN J 44 32.05 41.26 -8.07
CA GLN J 44 32.00 42.70 -7.92
C GLN J 44 33.21 43.34 -7.24
N LEU J 45 33.42 44.64 -7.48
CA LEU J 45 34.50 45.37 -6.77
C LEU J 45 33.83 46.21 -5.70
N ALA J 46 34.21 45.96 -4.45
CA ALA J 46 33.68 46.73 -3.32
C ALA J 46 34.76 47.73 -2.95
N LEU J 47 34.47 49.02 -2.93
CA LEU J 47 35.51 50.00 -2.59
C LEU J 47 35.63 49.97 -1.09
N ARG J 48 36.84 50.22 -0.64
CA ARG J 48 37.10 50.32 0.77
C ARG J 48 37.54 51.71 1.24
N THR J 49 38.57 52.28 0.59
CA THR J 49 39.14 53.51 1.04
C THR J 49 39.74 54.24 -0.11
N VAL J 50 39.70 55.58 -0.06
CA VAL J 50 40.43 56.43 -0.98
C VAL J 50 41.31 57.17 -0.03
N CYS J 51 42.56 57.31 -0.38
CA CYS J 51 43.40 58.17 0.40
C CYS J 51 44.51 58.88 -0.43
N LEU J 52 45.20 59.89 0.12
CA LEU J 52 46.23 60.65 -0.61
C LEU J 52 47.62 60.29 -0.27
N GLY J 53 48.49 60.38 -1.26
CA GLY J 53 49.90 60.20 -0.99
C GLY J 53 50.52 61.36 -0.25
N ASP J 54 51.62 61.07 0.41
CA ASP J 54 52.25 61.99 1.30
C ASP J 54 52.95 63.16 0.62
N LYS J 55 53.21 63.08 -0.68
CA LYS J 55 53.73 64.22 -1.46
C LYS J 55 52.64 64.85 -2.33
N ALA J 56 51.41 64.52 -2.15
CA ALA J 56 50.37 65.16 -2.93
C ALA J 56 50.28 66.70 -2.68
N LYS J 57 50.04 67.50 -3.68
CA LYS J 57 49.85 68.90 -3.36
C LYS J 57 48.58 69.17 -2.51
N ASP J 58 48.59 70.31 -1.88
CA ASP J 58 47.59 70.78 -0.98
C ASP J 58 46.55 71.44 -1.74
N GLU J 59 45.74 70.61 -2.38
CA GLU J 59 44.68 71.07 -3.25
C GLU J 59 43.48 70.05 -3.26
N PHE J 60 42.30 70.43 -3.76
CA PHE J 60 41.16 69.57 -3.80
C PHE J 60 41.35 68.47 -4.86
N HIS J 61 41.33 67.19 -4.45
CA HIS J 61 41.28 66.02 -5.36
C HIS J 61 39.95 65.48 -5.31
N ILE J 62 39.34 65.35 -6.48
CA ILE J 62 38.04 64.75 -6.66
C ILE J 62 38.17 63.42 -7.47
N VAL J 63 37.48 62.36 -7.05
CA VAL J 63 37.64 61.05 -7.66
C VAL J 63 36.24 60.72 -8.12
N GLU J 64 36.10 60.43 -9.40
CA GLU J 64 34.79 60.15 -10.02
C GLU J 64 34.80 58.78 -10.75
N ILE J 65 33.62 58.19 -10.79
CA ILE J 65 33.36 57.00 -11.63
C ILE J 65 32.66 57.43 -12.93
N VAL J 66 33.26 57.05 -14.07
CA VAL J 66 32.58 57.04 -15.47
C VAL J 66 32.11 55.58 -15.72
N ASP J 67 30.84 55.20 -15.98
CA ASP J 67 29.59 56.00 -16.18
C ASP J 67 28.39 55.46 -15.32
N GLU J 73 28.94 59.16 -21.36
CA GLU J 73 29.73 59.46 -20.16
C GLU J 73 28.98 60.42 -19.13
N LYS J 74 28.09 59.81 -18.29
CA LYS J 74 27.49 60.44 -17.08
C LYS J 74 28.45 60.13 -15.93
N SER J 75 29.38 61.07 -15.67
CA SER J 75 30.39 60.93 -14.57
C SER J 75 29.80 61.21 -13.17
N VAL J 76 30.16 60.35 -12.17
CA VAL J 76 29.75 60.57 -10.75
C VAL J 76 30.94 60.70 -9.79
N PRO J 77 31.16 61.91 -9.25
CA PRO J 77 32.11 62.14 -8.19
C PRO J 77 31.70 61.45 -6.93
N ILE J 78 32.70 60.86 -6.29
CA ILE J 78 32.45 60.02 -5.10
C ILE J 78 33.35 60.39 -3.88
N ALA J 79 34.57 60.93 -4.07
CA ALA J 79 35.18 61.62 -2.95
C ALA J 79 35.98 62.88 -3.30
N THR J 80 35.94 63.84 -2.36
CA THR J 80 36.75 65.07 -2.44
C THR J 80 37.67 65.08 -1.30
N LEU J 81 38.96 65.06 -1.53
CA LEU J 81 39.95 65.06 -0.48
C LEU J 81 40.92 66.26 -0.60
N LYS J 82 41.72 66.52 0.47
CA LYS J 82 42.73 67.52 0.38
C LYS J 82 43.72 67.31 1.53
N PRO J 83 45.02 67.33 1.23
CA PRO J 83 45.99 66.93 2.32
C PRO J 83 45.83 67.60 3.66
N SER J 84 45.71 68.92 3.70
CA SER J 84 45.64 69.66 5.00
C SER J 84 44.20 69.70 5.58
N ILE J 85 43.20 69.17 4.88
CA ILE J 85 41.85 69.16 5.40
C ILE J 85 41.31 67.76 5.69
N LEU J 86 41.40 66.85 4.76
CA LEU J 86 40.84 65.54 4.93
C LEU J 86 41.59 64.59 3.96
N PRO J 87 42.61 63.89 4.46
CA PRO J 87 43.34 63.17 3.45
C PRO J 87 42.84 61.76 3.14
N MET J 88 41.63 61.35 3.59
CA MET J 88 41.18 59.97 3.19
C MET J 88 39.78 59.86 3.57
N ALA J 89 39.15 58.87 2.98
CA ALA J 89 37.79 58.60 3.27
C ALA J 89 37.48 57.16 3.15
N THR J 90 36.40 56.79 3.82
CA THR J 90 35.98 55.39 3.92
C THR J 90 34.75 55.26 3.10
N MET J 91 34.80 54.31 2.17
CA MET J 91 33.71 54.11 1.24
C MET J 91 32.90 52.94 1.76
N VAL J 92 31.60 53.08 1.84
CA VAL J 92 30.82 52.10 2.55
C VAL J 92 29.73 51.79 1.61
N GLY J 93 29.61 50.50 1.31
CA GLY J 93 28.54 50.04 0.44
C GLY J 93 28.76 50.09 -1.04
N ILE J 94 29.86 50.64 -1.51
CA ILE J 94 29.92 50.85 -2.98
C ILE J 94 30.38 49.53 -3.61
N GLU J 95 29.44 48.79 -4.18
CA GLU J 95 29.77 47.54 -4.95
C GLU J 95 29.48 47.77 -6.42
N LEU J 96 30.49 47.59 -7.25
CA LEU J 96 30.39 47.90 -8.66
C LEU J 96 30.70 46.68 -9.53
N ASP J 97 29.93 46.61 -10.61
CA ASP J 97 30.02 45.60 -11.68
C ASP J 97 31.11 45.94 -12.64
N PRO J 98 32.06 45.04 -12.81
CA PRO J 98 33.09 45.43 -13.82
C PRO J 98 32.65 45.43 -15.34
N PRO J 99 33.46 46.11 -16.19
CA PRO J 99 34.70 46.81 -15.77
C PRO J 99 34.38 48.24 -15.23
N VAL J 100 35.25 48.80 -14.38
CA VAL J 100 34.96 50.16 -13.89
C VAL J 100 36.09 51.02 -14.09
N THR J 101 35.77 52.29 -14.33
CA THR J 101 36.81 53.29 -14.63
C THR J 101 36.77 54.45 -13.62
N PHE J 102 37.96 54.71 -13.07
CA PHE J 102 38.14 55.81 -12.10
C PHE J 102 38.90 56.95 -12.73
N ARG J 103 38.46 58.13 -12.39
CA ARG J 103 39.09 59.29 -12.91
C ARG J 103 39.25 60.34 -11.81
N LEU J 104 40.43 60.95 -11.81
CA LEU J 104 40.70 62.21 -11.09
C LEU J 104 40.13 63.46 -11.85
N LYS J 105 38.85 63.80 -11.60
CA LYS J 105 38.32 65.06 -12.02
C LYS J 105 39.21 66.22 -11.59
N ALA J 106 39.75 66.22 -10.36
CA ALA J 106 40.61 67.34 -10.02
C ALA J 106 41.71 66.88 -9.12
N GLY J 107 42.83 67.56 -9.20
CA GLY J 107 43.97 67.23 -8.46
C GLY J 107 45.03 66.48 -9.20
N SER J 108 46.17 66.29 -8.56
CA SER J 108 47.39 65.87 -9.18
C SER J 108 47.88 64.55 -8.58
N GLY J 109 47.36 64.19 -7.42
CA GLY J 109 47.74 62.94 -6.81
C GLY J 109 49.14 62.98 -6.32
N PRO J 110 49.68 61.81 -6.00
CA PRO J 110 49.03 60.46 -6.11
C PRO J 110 47.75 60.38 -5.31
N LEU J 111 46.78 59.64 -5.83
CA LEU J 111 45.59 59.33 -5.06
C LEU J 111 45.38 57.80 -5.18
N TYR J 112 45.23 57.15 -4.02
CA TYR J 112 44.98 55.70 -3.96
C TYR J 112 43.52 55.32 -3.80
N ILE J 113 43.09 54.28 -4.49
CA ILE J 113 41.74 53.73 -4.22
C ILE J 113 42.07 52.35 -3.70
N SER J 114 41.30 51.85 -2.75
CA SER J 114 41.40 50.47 -2.39
C SER J 114 40.07 49.82 -2.45
N GLY J 115 40.14 48.50 -2.56
CA GLY J 115 38.96 47.67 -2.72
C GLY J 115 39.20 46.15 -2.59
N GLN J 116 38.12 45.37 -2.71
CA GLN J 116 38.20 43.95 -2.65
C GLN J 116 37.23 43.33 -3.62
N HIS J 117 37.64 42.22 -4.25
CA HIS J 117 36.72 41.33 -5.05
C HIS J 117 35.80 40.59 -4.07
N VAL J 118 34.52 40.52 -4.45
CA VAL J 118 33.42 40.11 -3.57
C VAL J 118 32.26 39.37 -4.34
N ALA J 119 31.41 38.60 -3.62
CA ALA J 119 30.25 37.87 -4.25
C ALA J 119 29.05 38.80 -4.57
#